data_9AYJ
#
_entry.id   9AYJ
#
_cell.length_a   1.00
_cell.length_b   1.00
_cell.length_c   1.00
_cell.angle_alpha   90.00
_cell.angle_beta   90.00
_cell.angle_gamma   90.00
#
_symmetry.space_group_name_H-M   'P 1'
#
loop_
_entity.id
_entity.type
_entity.pdbx_description
1 polymer 'Voltage-dependent T-type calcium channel subunit alpha-1H'
2 non-polymer 3,5-dichloro-N-[(1-{[(4S)-2,2-dimethyloxan-4-yl]methyl}-4-fluoropiperidin-4-yl)methyl]benzamide
3 non-polymer 2-acetamido-2-deoxy-beta-D-glucopyranose
4 non-polymer 'CALCIUM ION'
5 non-polymer 1-O-OCTADECYL-SN-GLYCERO-3-PHOSPHOCHOLINE
6 non-polymer 'CHOLESTEROL HEMISUCCINATE'
7 non-polymer '[(2~{R})-3-[2-azanylethoxy(oxidanyl)phosphoryl]oxy-2-pentadecanoyloxy-propyl] pentadecanoate'
#
_entity_poly.entity_id   1
_entity_poly.type   'polypeptide(L)'
_entity_poly.pdbx_seq_one_letter_code
;MASWSHPQFEKGGGARGGSGGGSWSHPQFEKGFDYKDDDDKGTMTEGARAADEVRVPLGAPPPGPAALVGASPESPGAPG
REAERGSELGVSPSESPAAERGAELGADEEQRVPYPALAATVFFCLGQTTRPRSWCLRLVCNPWFEHVSMLVIMLNCVTL
GMFRPCEDVECGSERCNILEAFDAFIFAFFAVEMVIKMVALGLFGQKCYLGDTWNRLDFFIVVAGMMEYSLDGHNVSLSA
IRTVRVLRPLRAINRVPSMRILVTLLLDTLPMLGNVLLLCFFVFFIFGIVGVQLWAGLLRNRCFLDSAFVRNNNLTFLRP
YYQTEEGEENPFICSSRRDNGMQKCSHIPGRRELRMPCTLGWEAYTQPQAEGVGAARNACINWNQYYNVCRSGDSNPHNG
AINFDNIGYAWIAIFQVITLEGWVDIMYYVMDAHSFYNFIYFILLIIVGSFFMINLCLVVIATQFSETKQRESQLMREQR
ARHLSNDSTLASFSEPGSCYEELLKYVGHIFRKVKRRSLRLYARWQSRWRKKVDPGWMGRLWVTFSGKLRRIVDSKYFSR
GIMMAILVNTLSMGVEYHEQPEELTNALEISNIVFTSMFALEMLLKLLACGPLGYIRNPYNIFDGIIVVISVWEIVGQAD
GGLSVLRTFRLLRVLKLVRFLPALRRQLVVLVKTMDNVATFCTLLMLFIFIFSILGMHLFGCKFSLKTDTGDTVPDRKNF
DSLLWAIVTVFQILTQEDWNVVLYNGMASTSSWAALYFVALMTFGNYVLFNLLVAILVEGFQAEGDANRSDTDEDKTSVH
FEEDFHKLRELQTTELKMCSLAVTPNGHLEGRGSLSPPLIMCTAATPMPTPKSSPFLDAAPSLPDSRRGSSSSGDPPLGD
QKPPASLRSSPCAPWGPSGAWSSRRSSWSSLGRAPSLKRRGQCGERESLLSGEGKGSTDDEAEDGRAAPGPRATPLRRAE
SLDPRPLRPAALPPTKCRDRDGQVVALPSDFFLRIDSHREDAAELDDDSEDSCCLRLHKVLEPYKPQWCRSREAWALYLF
SPQNRFRVSCQKVITHKMFDHVVLVFIFLNCVTIALERPDIDPGSTERVFLSVSNYIFTAIFVAEMMVKVVALGLLSGEH
AYLQSSWNLLDGLLVLVSLVDIVVAMASAGGAKILGVLRVLRLLRTLRPLRVISRAPGLKLVVETLISSLRPIGNIVLIC
CAFFIIFGILGVQLFKGKFYYCEGPDTRNISTKAQCRAAHYRWVRRKYNFDNLGQALMSLFVLSSKDGWVNIMYDGLDAV
GVDQQPVQNHNPWMLLYFISFLLIVSFFVLNMFVGVVVENFHKCRQHQEAEEARRREEKRLRRLERRRRSTFPSPEAQRR
PYYADYSPTRRSIHSLCTSHYLDLFITFIICVNVITMSMEHYNQPKSLDEALKYCNYVFTIVFVFEAALKLVAFGFRRFF
KDRWNQLDLAIVLLSLMGITLEEIEMSAALPINPTIIRIMRVLRIARVLKLLKMATGMRALLDTVVQALPQVGNLGLLFM
LLFFIYAALGVELFGRLECSEDNPCEGLSRHATFSNFGMAFLTLFRVSTGDNWNGIMKDTLRECSREDKHCLSYLPALSP
VYFVTFVLVAQFVLVNVVVAVLMKHLEESNKEAREDAELDAEIELEMAQGPGSARRVDADRPPLPQESPGARDAPNLVAR
KVSVSRMLSLPNDSYMFRPVVPASAPHPRPLQEVEMETYGAGTPLGSVASVHSPPAESCASLQIPLAVSSPARSGEPLHA
LSPRGTARSPSLSRLLCRQEAVHTDSLEGKIDSPRDTLDPAEPGEKTPVRPVTQGGSLQSPPRSPRPASVRTRKHTFGQR
CVSSRPAAPGGEEAEASDPADEEVSHITSSACPWQPTAEPHGPEASPVAGGERDLRRLYSVDAQGFLDKPGRADEQWRPS
AELGSGEPGEAKAWGPEAEPALGARRKKKMSPPCISVEPPAEDEGSARPSAAEGGSTTLRRRTPSCEATPHRDSLEPTEG
SGAGGDPAAKGERWGQASCRAEHLTVPSFAFEPLDLGVPSGDPFLDGSHSVTPESRASSSGAIVPLEPPESEPPMPVGDP
PEKRRGLYLTVPQCPLEKPGSPSATPAPGGGADDPV
;
_entity_poly.pdbx_strand_id   A
#
loop_
_chem_comp.id
_chem_comp.type
_chem_comp.name
_chem_comp.formula
A1AHI non-polymer 3,5-dichloro-N-[(1-{[(4S)-2,2-dimethyloxan-4-yl]methyl}-4-fluoropiperidin-4-yl)methyl]benzamide 'C21 H29 Cl2 F N2 O2'
CA non-polymer 'CALCIUM ION' 'Ca 2'
JL3 non-polymer '[(2~{R})-3-[2-azanylethoxy(oxidanyl)phosphoryl]oxy-2-pentadecanoyloxy-propyl] pentadecanoate' 'C35 H70 N O8 P'
LPE non-polymer 1-O-OCTADECYL-SN-GLYCERO-3-PHOSPHOCHOLINE 'C26 H57 N O6 P 1'
NAG D-saccharide, beta linking 2-acetamido-2-deoxy-beta-D-glucopyranose 'C8 H15 N O6'
Y01 non-polymer 'CHOLESTEROL HEMISUCCINATE' 'C31 H50 O4'
#
# COMPACT_ATOMS: atom_id res chain seq x y z
N LEU A 139 -29.23 13.74 42.43
CA LEU A 139 -29.24 14.21 41.01
C LEU A 139 -27.93 13.83 40.31
N VAL A 140 -26.85 14.52 40.69
CA VAL A 140 -25.56 14.26 40.07
C VAL A 140 -24.72 13.29 40.88
N CYS A 141 -24.91 13.25 42.21
CA CYS A 141 -24.13 12.35 43.04
C CYS A 141 -24.43 10.89 42.72
N ASN A 142 -25.70 10.57 42.49
CA ASN A 142 -26.11 9.18 42.32
C ASN A 142 -25.49 8.63 41.03
N PRO A 143 -24.77 7.50 41.10
CA PRO A 143 -24.13 6.98 39.88
C PRO A 143 -25.12 6.61 38.79
N TRP A 144 -26.34 6.22 39.15
CA TRP A 144 -27.32 5.83 38.14
C TRP A 144 -27.62 6.98 37.18
N PHE A 145 -27.35 8.21 37.58
CA PHE A 145 -27.56 9.34 36.67
C PHE A 145 -26.69 9.21 35.42
N GLU A 146 -25.44 8.76 35.59
CA GLU A 146 -24.58 8.54 34.43
C GLU A 146 -25.18 7.50 33.50
N HIS A 147 -25.76 6.44 34.05
CA HIS A 147 -26.42 5.45 33.22
C HIS A 147 -27.58 6.07 32.44
N VAL A 148 -28.33 6.96 33.10
CA VAL A 148 -29.40 7.67 32.39
C VAL A 148 -28.83 8.50 31.25
N SER A 149 -27.72 9.22 31.51
CA SER A 149 -27.09 10.00 30.46
C SER A 149 -26.59 9.10 29.33
N MET A 150 -25.99 7.96 29.67
CA MET A 150 -25.53 7.04 28.65
C MET A 150 -26.68 6.51 27.80
N LEU A 151 -27.82 6.23 28.44
CA LEU A 151 -28.98 5.75 27.70
C LEU A 151 -29.40 6.76 26.63
N VAL A 152 -29.44 8.04 27.00
CA VAL A 152 -29.81 9.08 26.05
C VAL A 152 -28.75 9.20 24.95
N ILE A 153 -27.48 9.00 25.29
CA ILE A 153 -26.41 9.09 24.30
C ILE A 153 -26.61 8.07 23.20
N MET A 154 -26.83 6.80 23.58
CA MET A 154 -27.03 5.77 22.58
C MET A 154 -28.26 6.06 21.73
N LEU A 155 -29.33 6.55 22.36
CA LEU A 155 -30.52 7.00 21.62
C LEU A 155 -30.21 8.14 20.66
N ASN A 156 -29.27 9.03 20.99
CA ASN A 156 -28.94 10.09 20.05
C ASN A 156 -28.16 9.56 18.86
N CYS A 157 -27.34 8.52 19.08
CA CYS A 157 -26.58 7.93 17.98
C CYS A 157 -27.52 7.30 16.95
N VAL A 158 -28.54 6.57 17.41
CA VAL A 158 -29.47 5.95 16.47
C VAL A 158 -30.29 7.00 15.73
N THR A 159 -30.60 8.11 16.41
CA THR A 159 -31.31 9.20 15.74
C THR A 159 -30.50 9.75 14.57
N LEU A 160 -29.20 9.92 14.76
CA LEU A 160 -28.35 10.40 13.68
C LEU A 160 -28.25 9.38 12.55
N GLY A 161 -28.19 8.09 12.89
CA GLY A 161 -27.97 7.07 11.89
C GLY A 161 -29.18 6.81 11.00
N MET A 162 -30.35 7.30 11.37
CA MET A 162 -31.53 7.15 10.54
C MET A 162 -31.71 8.29 9.55
N PHE A 163 -30.81 9.28 9.57
CA PHE A 163 -30.88 10.37 8.60
C PHE A 163 -30.75 9.82 7.18
N ARG A 164 -31.64 10.27 6.30
CA ARG A 164 -31.59 9.95 4.88
C ARG A 164 -31.13 11.18 4.12
N PRO A 165 -29.97 11.14 3.45
CA PRO A 165 -29.37 12.39 2.93
C PRO A 165 -30.33 13.26 2.13
N CYS A 166 -31.01 12.70 1.14
CA CYS A 166 -31.80 13.50 0.20
C CYS A 166 -33.26 13.07 0.21
N GLU A 167 -33.73 12.53 1.34
CA GLU A 167 -35.14 12.41 1.63
C GLU A 167 -35.59 13.26 2.80
N ASP A 168 -34.66 13.70 3.66
CA ASP A 168 -34.98 14.53 4.82
C ASP A 168 -34.65 15.99 4.61
N VAL A 169 -33.86 16.33 3.58
CA VAL A 169 -33.54 17.73 3.33
C VAL A 169 -34.81 18.52 3.01
N GLU A 170 -35.73 17.91 2.25
CA GLU A 170 -36.99 18.57 1.97
C GLU A 170 -37.80 18.79 3.24
N CYS A 171 -37.72 17.86 4.19
CA CYS A 171 -38.45 17.96 5.45
C CYS A 171 -39.96 17.96 5.23
N GLY A 172 -40.41 17.34 4.14
CA GLY A 172 -41.82 17.24 3.82
C GLY A 172 -42.47 15.95 4.22
N SER A 173 -41.71 14.99 4.76
CA SER A 173 -42.26 13.70 5.14
C SER A 173 -42.67 13.70 6.61
N GLU A 174 -43.56 12.77 6.95
CA GLU A 174 -43.99 12.62 8.35
C GLU A 174 -42.92 11.96 9.20
N ARG A 175 -42.14 11.04 8.61
CA ARG A 175 -41.08 10.38 9.37
C ARG A 175 -40.04 11.39 9.82
N CYS A 176 -39.68 12.34 8.96
CA CYS A 176 -38.73 13.38 9.35
C CYS A 176 -39.30 14.25 10.47
N ASN A 177 -40.60 14.55 10.42
CA ASN A 177 -41.20 15.43 11.41
C ASN A 177 -41.08 14.85 12.82
N ILE A 178 -41.36 13.55 12.97
CA ILE A 178 -41.24 12.92 14.28
C ILE A 178 -39.78 12.89 14.72
N LEU A 179 -38.86 12.72 13.75
CA LEU A 179 -37.44 12.64 14.09
C LEU A 179 -36.92 13.97 14.60
N GLU A 180 -37.25 15.06 13.90
CA GLU A 180 -36.76 16.37 14.32
C GLU A 180 -37.28 16.73 15.71
N ALA A 181 -38.54 16.39 15.99
CA ALA A 181 -39.05 16.53 17.36
C ALA A 181 -38.25 15.66 18.31
N PHE A 182 -37.92 14.45 17.89
CA PHE A 182 -37.15 13.54 18.74
C PHE A 182 -35.76 14.10 19.02
N ASP A 183 -35.15 14.72 18.02
CA ASP A 183 -33.87 15.41 18.23
C ASP A 183 -34.04 16.57 19.20
N ALA A 184 -35.11 17.36 19.03
CA ALA A 184 -35.31 18.52 19.90
C ALA A 184 -35.45 18.10 21.35
N PHE A 185 -36.16 17.00 21.60
CA PHE A 185 -36.31 16.50 22.97
C PHE A 185 -34.96 16.16 23.57
N ILE A 186 -34.07 15.55 22.79
CA ILE A 186 -32.76 15.15 23.31
C ILE A 186 -31.92 16.36 23.66
N PHE A 187 -31.97 17.41 22.84
CA PHE A 187 -31.25 18.62 23.18
C PHE A 187 -31.77 19.24 24.48
N ALA A 188 -33.08 19.12 24.73
CA ALA A 188 -33.65 19.65 25.96
C ALA A 188 -33.03 18.97 27.18
N PHE A 189 -32.89 17.63 27.13
CA PHE A 189 -32.24 16.91 28.22
C PHE A 189 -30.84 17.43 28.44
N PHE A 190 -30.05 17.51 27.37
CA PHE A 190 -28.64 17.87 27.52
C PHE A 190 -28.48 19.33 27.92
N ALA A 191 -29.32 20.20 27.37
CA ALA A 191 -29.35 21.58 27.85
C ALA A 191 -29.77 21.64 29.32
N VAL A 192 -30.73 20.81 29.70
CA VAL A 192 -31.10 20.74 31.11
C VAL A 192 -29.92 20.25 31.94
N GLU A 193 -29.35 19.11 31.55
CA GLU A 193 -28.31 18.48 32.37
C GLU A 193 -27.15 19.42 32.59
N MET A 194 -26.72 20.13 31.53
CA MET A 194 -25.59 21.04 31.67
C MET A 194 -25.91 22.14 32.67
N VAL A 195 -27.18 22.57 32.73
CA VAL A 195 -27.57 23.59 33.69
C VAL A 195 -27.46 23.05 35.12
N ILE A 196 -27.95 21.83 35.36
CA ILE A 196 -27.82 21.24 36.69
C ILE A 196 -26.35 21.09 37.07
N LYS A 197 -25.53 20.56 36.16
CA LYS A 197 -24.13 20.34 36.47
C LYS A 197 -23.41 21.65 36.75
N MET A 198 -23.70 22.68 35.95
CA MET A 198 -23.07 23.98 36.17
C MET A 198 -23.48 24.57 37.52
N VAL A 199 -24.76 24.44 37.87
CA VAL A 199 -25.23 24.94 39.16
C VAL A 199 -24.53 24.19 40.30
N ALA A 200 -24.46 22.86 40.18
CA ALA A 200 -23.89 22.05 41.26
C ALA A 200 -22.38 22.28 41.39
N LEU A 201 -21.67 22.44 40.26
CA LEU A 201 -20.22 22.54 40.27
C LEU A 201 -19.70 23.94 39.94
N GLY A 202 -20.48 24.75 39.25
CA GLY A 202 -19.98 26.07 38.89
C GLY A 202 -18.93 25.98 37.79
N LEU A 203 -18.24 27.09 37.60
CA LEU A 203 -17.18 27.17 36.60
C LEU A 203 -15.87 26.63 37.17
N ASP A 212 -11.40 20.03 33.92
CA ASP A 212 -12.08 18.90 33.30
C ASP A 212 -12.30 19.16 31.82
N THR A 213 -11.43 18.59 30.98
CA THR A 213 -11.52 18.83 29.55
C THR A 213 -12.82 18.30 28.98
N TRP A 214 -13.24 17.11 29.41
CA TRP A 214 -14.45 16.51 28.86
C TRP A 214 -15.67 17.38 29.12
N ASN A 215 -15.71 18.04 30.29
CA ASN A 215 -16.81 18.94 30.58
C ASN A 215 -16.84 20.11 29.59
N ARG A 216 -15.67 20.60 29.20
CA ARG A 216 -15.62 21.68 28.22
C ARG A 216 -16.18 21.23 26.88
N LEU A 217 -15.83 20.01 26.44
CA LEU A 217 -16.36 19.50 25.18
C LEU A 217 -17.88 19.41 25.23
N ASP A 218 -18.42 18.90 26.34
CA ASP A 218 -19.87 18.83 26.50
C ASP A 218 -20.49 20.22 26.39
N PHE A 219 -19.83 21.23 26.95
CA PHE A 219 -20.31 22.60 26.84
C PHE A 219 -20.29 23.07 25.40
N PHE A 220 -19.24 22.72 24.65
CA PHE A 220 -19.13 23.17 23.27
C PHE A 220 -20.26 22.61 22.40
N ILE A 221 -20.65 21.36 22.64
CA ILE A 221 -21.75 20.78 21.88
C ILE A 221 -23.04 21.55 22.15
N VAL A 222 -23.28 21.89 23.42
CA VAL A 222 -24.52 22.59 23.78
C VAL A 222 -24.57 23.96 23.12
N VAL A 223 -23.46 24.71 23.18
CA VAL A 223 -23.46 26.06 22.62
C VAL A 223 -23.64 26.00 21.10
N ALA A 224 -22.96 25.06 20.44
CA ALA A 224 -23.06 24.95 19.00
C ALA A 224 -24.47 24.58 18.57
N GLY A 225 -25.06 23.58 19.22
CA GLY A 225 -26.41 23.18 18.86
C GLY A 225 -27.44 24.26 19.16
N MET A 226 -27.24 24.98 20.26
CA MET A 226 -28.11 26.12 20.55
C MET A 226 -28.07 27.14 19.42
N MET A 227 -26.88 27.39 18.88
CA MET A 227 -26.76 28.25 17.70
C MET A 227 -27.57 27.66 16.55
N GLU A 228 -27.43 26.36 16.30
CA GLU A 228 -28.21 25.71 15.25
C GLU A 228 -29.70 25.77 15.57
N TYR A 229 -30.06 25.49 16.82
CA TYR A 229 -31.48 25.46 17.19
C TYR A 229 -32.07 26.87 17.20
N SER A 230 -31.36 27.83 17.80
CA SER A 230 -31.88 29.19 17.90
C SER A 230 -31.90 29.90 16.54
N LEU A 231 -30.94 29.57 15.67
CA LEU A 231 -30.88 30.22 14.36
C LEU A 231 -31.99 29.77 13.43
N ASP A 232 -32.79 28.77 13.82
CA ASP A 232 -33.87 28.31 12.96
C ASP A 232 -34.79 29.46 12.59
N GLY A 233 -35.21 29.48 11.33
CA GLY A 233 -35.95 30.59 10.77
C GLY A 233 -35.16 31.42 9.79
N HIS A 234 -33.84 31.29 9.77
CA HIS A 234 -32.98 31.95 8.79
C HIS A 234 -32.52 30.90 7.78
N ASN A 235 -32.82 31.15 6.51
CA ASN A 235 -32.52 30.19 5.45
C ASN A 235 -31.09 30.26 4.97
N VAL A 236 -30.30 31.21 5.47
CA VAL A 236 -28.92 31.37 5.02
C VAL A 236 -28.07 30.29 5.67
N SER A 237 -27.72 29.27 4.88
CA SER A 237 -26.82 28.20 5.33
C SER A 237 -27.35 27.51 6.58
N LEU A 238 -28.68 27.29 6.63
CA LEU A 238 -29.24 26.54 7.75
C LEU A 238 -28.82 25.08 7.69
N SER A 239 -28.87 24.46 6.50
CA SER A 239 -28.46 23.06 6.38
C SER A 239 -26.98 22.89 6.66
N ALA A 240 -26.15 23.85 6.24
CA ALA A 240 -24.72 23.76 6.52
C ALA A 240 -24.46 23.72 8.02
N ILE A 241 -25.20 24.54 8.79
CA ILE A 241 -25.07 24.51 10.24
C ILE A 241 -25.52 23.19 10.82
N ARG A 242 -26.31 22.41 10.08
CA ARG A 242 -26.79 21.13 10.59
C ARG A 242 -25.66 20.11 10.76
N THR A 243 -24.49 20.38 10.20
CA THR A 243 -23.41 19.39 10.20
C THR A 243 -22.70 19.27 11.55
N VAL A 244 -22.87 20.23 12.46
CA VAL A 244 -22.14 20.19 13.72
C VAL A 244 -22.65 19.11 14.67
N ARG A 245 -23.86 18.58 14.42
CA ARG A 245 -24.43 17.58 15.31
C ARG A 245 -23.68 16.26 15.26
N VAL A 246 -22.78 16.07 14.29
CA VAL A 246 -22.04 14.82 14.17
C VAL A 246 -21.05 14.61 15.31
N LEU A 247 -20.79 15.65 16.11
CA LEU A 247 -19.89 15.53 17.26
C LEU A 247 -20.58 15.00 18.50
N ARG A 248 -21.91 14.88 18.49
CA ARG A 248 -22.61 14.42 19.68
C ARG A 248 -22.16 13.04 20.15
N PRO A 249 -21.92 12.06 19.28
CA PRO A 249 -21.47 10.74 19.78
C PRO A 249 -20.17 10.77 20.56
N LEU A 250 -19.34 11.81 20.38
CA LEU A 250 -18.10 11.91 21.14
C LEU A 250 -18.37 11.95 22.64
N ARG A 251 -19.59 12.34 23.04
CA ARG A 251 -19.96 12.39 24.44
C ARG A 251 -19.87 11.01 25.10
N ALA A 252 -19.96 9.94 24.30
CA ALA A 252 -19.88 8.58 24.83
C ALA A 252 -18.49 8.21 25.33
N ILE A 253 -17.45 8.93 24.91
CA ILE A 253 -16.10 8.57 25.34
C ILE A 253 -15.97 8.69 26.85
N ASN A 254 -16.48 9.79 27.43
CA ASN A 254 -16.31 10.01 28.86
C ASN A 254 -17.18 9.06 29.68
N ARG A 255 -18.30 8.61 29.14
CA ARG A 255 -19.21 7.76 29.91
C ARG A 255 -18.66 6.35 30.09
N VAL A 256 -17.85 5.86 29.15
CA VAL A 256 -17.28 4.52 29.22
C VAL A 256 -15.90 4.65 29.84
N PRO A 257 -15.67 4.15 31.06
CA PRO A 257 -14.35 4.37 31.69
C PRO A 257 -13.20 3.83 30.87
N SER A 258 -13.36 2.65 30.24
CA SER A 258 -12.25 2.08 29.48
C SER A 258 -11.87 2.97 28.30
N MET A 259 -12.86 3.49 27.58
CA MET A 259 -12.55 4.35 26.44
C MET A 259 -11.90 5.64 26.88
N ARG A 260 -12.33 6.19 28.03
CA ARG A 260 -11.75 7.44 28.51
C ARG A 260 -10.27 7.29 28.82
N ILE A 261 -9.89 6.16 29.43
CA ILE A 261 -8.48 5.95 29.76
C ILE A 261 -7.65 5.85 28.50
N LEU A 262 -8.11 5.04 27.53
CA LEU A 262 -7.36 4.88 26.29
C LEU A 262 -7.21 6.20 25.56
N VAL A 263 -8.28 6.98 25.47
CA VAL A 263 -8.20 8.29 24.81
C VAL A 263 -7.24 9.18 25.56
N THR A 264 -7.29 9.18 26.89
CA THR A 264 -6.38 10.00 27.68
C THR A 264 -4.93 9.62 27.42
N LEU A 265 -4.65 8.31 27.37
CA LEU A 265 -3.30 7.87 27.03
C LEU A 265 -2.92 8.30 25.62
N LEU A 266 -3.85 8.20 24.67
CA LEU A 266 -3.58 8.64 23.31
C LEU A 266 -3.28 10.13 23.26
N LEU A 267 -4.08 10.94 23.97
CA LEU A 267 -3.89 12.38 23.94
C LEU A 267 -2.58 12.81 24.59
N ASP A 268 -2.03 12.01 25.50
CA ASP A 268 -0.75 12.32 26.11
C ASP A 268 0.43 11.87 25.26
N THR A 269 0.19 11.06 24.23
CA THR A 269 1.23 10.68 23.29
C THR A 269 1.36 11.64 22.13
N LEU A 270 0.30 12.36 21.80
CA LEU A 270 0.35 13.30 20.68
C LEU A 270 1.43 14.36 20.83
N PRO A 271 1.64 14.99 21.99
CA PRO A 271 2.62 16.08 22.06
C PRO A 271 4.00 15.70 21.57
N MET A 272 4.38 14.43 21.67
CA MET A 272 5.70 13.97 21.24
C MET A 272 5.74 13.62 19.75
N LEU A 273 4.61 13.77 19.05
CA LEU A 273 4.58 13.54 17.60
C LEU A 273 4.91 14.80 16.80
N GLY A 274 5.13 15.93 17.47
CA GLY A 274 5.44 17.15 16.74
C GLY A 274 6.71 17.03 15.91
N ASN A 275 7.70 16.31 16.44
CA ASN A 275 8.94 16.13 15.68
C ASN A 275 8.69 15.44 14.35
N VAL A 276 7.82 14.42 14.34
CA VAL A 276 7.44 13.78 13.09
C VAL A 276 6.64 14.74 12.22
N LEU A 277 5.84 15.62 12.83
CA LEU A 277 5.05 16.56 12.06
C LEU A 277 5.94 17.56 11.33
N LEU A 278 7.00 18.04 11.99
CA LEU A 278 7.91 18.96 11.33
C LEU A 278 8.56 18.31 10.12
N LEU A 279 8.93 17.03 10.22
CA LEU A 279 9.45 16.32 9.07
C LEU A 279 8.42 16.26 7.96
N CYS A 280 7.13 16.15 8.31
CA CYS A 280 6.09 16.12 7.29
C CYS A 280 6.00 17.46 6.57
N PHE A 281 6.20 18.57 7.29
CA PHE A 281 6.20 19.87 6.64
C PHE A 281 7.35 19.97 5.64
N PHE A 282 8.54 19.52 6.03
CA PHE A 282 9.68 19.59 5.13
C PHE A 282 9.45 18.78 3.87
N VAL A 283 8.89 17.57 4.01
CA VAL A 283 8.67 16.72 2.85
C VAL A 283 7.65 17.35 1.91
N PHE A 284 6.52 17.80 2.45
CA PHE A 284 5.47 18.37 1.61
C PHE A 284 5.94 19.67 0.96
N PHE A 285 6.65 20.50 1.71
CA PHE A 285 7.00 21.83 1.21
C PHE A 285 8.13 21.75 0.19
N ILE A 286 9.11 20.88 0.42
CA ILE A 286 10.22 20.75 -0.53
C ILE A 286 9.73 20.15 -1.84
N PHE A 287 8.94 19.08 -1.75
CA PHE A 287 8.42 18.42 -2.94
C PHE A 287 7.23 19.15 -3.53
N GLY A 288 6.61 20.05 -2.77
CA GLY A 288 5.45 20.77 -3.26
C GLY A 288 5.80 21.97 -4.11
N ILE A 289 7.00 22.51 -3.93
CA ILE A 289 7.45 23.62 -4.75
C ILE A 289 8.27 23.14 -5.95
N VAL A 290 9.06 22.07 -5.77
CA VAL A 290 9.78 21.51 -6.90
C VAL A 290 8.79 21.00 -7.96
N GLY A 291 7.69 20.40 -7.52
CA GLY A 291 6.68 19.96 -8.47
C GLY A 291 6.01 21.11 -9.19
N VAL A 292 5.66 22.17 -8.45
CA VAL A 292 5.03 23.33 -9.06
C VAL A 292 5.99 24.00 -10.05
N GLN A 293 7.26 24.13 -9.68
CA GLN A 293 8.21 24.79 -10.56
C GLN A 293 8.36 24.05 -11.88
N LEU A 294 8.28 22.72 -11.85
CA LEU A 294 8.52 21.93 -13.06
C LEU A 294 7.27 21.78 -13.90
N TRP A 295 6.16 21.36 -13.28
CA TRP A 295 4.98 20.91 -14.00
C TRP A 295 3.76 21.80 -13.73
N ALA A 296 3.95 23.11 -13.72
CA ALA A 296 2.84 24.04 -13.52
C ALA A 296 2.15 24.29 -14.86
N GLY A 297 0.95 23.76 -15.02
CA GLY A 297 0.17 23.97 -16.23
C GLY A 297 0.47 23.03 -17.37
N LEU A 298 1.30 22.00 -17.15
CA LEU A 298 1.64 21.07 -18.21
C LEU A 298 0.62 19.95 -18.40
N LEU A 299 -0.31 19.79 -17.47
CA LEU A 299 -1.34 18.77 -17.60
C LEU A 299 -2.58 19.28 -18.31
N ARG A 300 -2.61 20.56 -18.67
CA ARG A 300 -3.67 21.11 -19.51
C ARG A 300 -3.42 20.88 -21.00
N ASN A 301 -2.24 20.39 -21.36
CA ASN A 301 -1.88 20.25 -22.77
C ASN A 301 -2.80 19.29 -23.49
N ARG A 302 -3.19 19.65 -24.71
CA ARG A 302 -3.98 18.80 -25.57
C ARG A 302 -3.59 19.07 -27.01
N CYS A 303 -3.85 18.11 -27.89
CA CYS A 303 -3.54 18.25 -29.30
C CYS A 303 -4.70 18.97 -29.98
N PHE A 304 -4.48 20.23 -30.35
CA PHE A 304 -5.50 21.07 -30.95
C PHE A 304 -5.30 21.13 -32.47
N LEU A 305 -6.38 21.46 -33.17
CA LEU A 305 -6.28 21.72 -34.61
C LEU A 305 -5.63 23.07 -34.84
N ASP A 306 -4.93 23.19 -35.97
CA ASP A 306 -4.33 24.46 -36.35
C ASP A 306 -5.43 25.50 -36.60
N SER A 307 -5.22 26.69 -36.06
CA SER A 307 -6.21 27.76 -36.22
C SER A 307 -6.36 28.15 -37.69
N ALA A 308 -5.24 28.22 -38.43
CA ALA A 308 -5.33 28.55 -39.85
C ALA A 308 -6.05 27.45 -40.62
N PHE A 309 -5.79 26.19 -40.28
CA PHE A 309 -6.44 25.08 -40.98
C PHE A 309 -7.96 25.18 -40.87
N VAL A 310 -8.47 25.33 -39.65
CA VAL A 310 -9.91 25.37 -39.45
C VAL A 310 -10.51 26.63 -40.07
N ARG A 311 -9.81 27.77 -39.96
CA ARG A 311 -10.33 29.02 -40.50
C ARG A 311 -10.39 28.98 -42.02
N ASN A 312 -9.29 28.59 -42.67
CA ASN A 312 -9.23 28.63 -44.12
C ASN A 312 -10.18 27.61 -44.75
N ASN A 313 -10.26 26.41 -44.18
CA ASN A 313 -11.08 25.36 -44.76
C ASN A 313 -12.55 25.46 -44.39
N ASN A 314 -12.90 26.37 -43.47
CA ASN A 314 -14.30 26.65 -43.14
C ASN A 314 -15.04 25.38 -42.71
N LEU A 315 -14.41 24.60 -41.83
CA LEU A 315 -15.02 23.42 -41.24
C LEU A 315 -14.99 23.55 -39.72
N THR A 316 -16.09 23.18 -39.07
CA THR A 316 -16.14 23.24 -37.62
C THR A 316 -16.89 22.05 -37.02
N PHE A 317 -16.95 20.92 -37.74
CA PHE A 317 -17.64 19.75 -37.23
C PHE A 317 -16.78 18.96 -36.26
N LEU A 318 -15.46 19.05 -36.39
CA LEU A 318 -14.55 18.29 -35.55
C LEU A 318 -14.43 18.92 -34.17
N ARG A 319 -14.17 18.09 -33.17
CA ARG A 319 -13.90 18.59 -31.84
C ARG A 319 -12.60 19.38 -31.85
N PRO A 320 -12.49 20.45 -31.05
CA PRO A 320 -11.31 21.32 -31.17
C PRO A 320 -10.00 20.61 -30.92
N TYR A 321 -9.98 19.63 -30.01
CA TYR A 321 -8.76 18.90 -29.69
C TYR A 321 -9.06 17.40 -29.58
N TYR A 322 -8.04 16.59 -29.86
CA TYR A 322 -8.22 15.15 -29.81
C TYR A 322 -8.64 14.77 -28.41
N GLN A 323 -9.72 14.00 -28.30
CA GLN A 323 -10.08 13.36 -27.04
C GLN A 323 -10.68 12.00 -27.36
N THR A 324 -10.13 10.96 -26.75
CA THR A 324 -10.55 9.61 -27.08
C THR A 324 -12.03 9.45 -26.74
N GLU A 325 -12.67 8.42 -27.33
CA GLU A 325 -14.13 8.38 -27.28
C GLU A 325 -14.65 8.26 -25.86
N GLU A 326 -13.80 7.86 -24.90
CA GLU A 326 -14.24 7.92 -23.50
C GLU A 326 -14.40 9.36 -23.03
N GLY A 327 -13.82 10.33 -23.73
CA GLY A 327 -13.93 11.72 -23.35
C GLY A 327 -12.82 12.18 -22.43
N GLU A 328 -13.15 13.16 -21.60
CA GLU A 328 -12.20 13.77 -20.69
C GLU A 328 -11.75 12.83 -19.57
N GLU A 329 -12.41 11.69 -19.39
CA GLU A 329 -12.03 10.76 -18.33
C GLU A 329 -10.66 10.14 -18.57
N ASN A 330 -10.22 10.05 -19.83
CA ASN A 330 -8.91 9.51 -20.18
C ASN A 330 -8.24 10.50 -21.13
N PRO A 331 -7.76 11.63 -20.61
CA PRO A 331 -7.20 12.67 -21.48
C PRO A 331 -5.93 12.21 -22.17
N PHE A 332 -5.70 12.76 -23.36
CA PHE A 332 -4.48 12.51 -24.13
C PHE A 332 -3.59 13.73 -23.98
N ILE A 333 -2.69 13.67 -23.01
CA ILE A 333 -1.79 14.79 -22.72
C ILE A 333 -0.59 14.70 -23.64
N CYS A 334 -0.33 15.77 -24.38
CA CYS A 334 0.79 15.84 -25.32
C CYS A 334 1.96 16.58 -24.70
N SER A 335 3.10 16.47 -25.37
CA SER A 335 4.33 17.12 -24.92
C SER A 335 4.56 18.39 -25.73
N SER A 336 4.71 19.52 -25.04
CA SER A 336 4.93 20.78 -25.71
C SER A 336 6.19 20.71 -26.57
N ARG A 337 6.29 21.64 -27.52
CA ARG A 337 7.41 21.63 -28.45
C ARG A 337 8.73 21.93 -27.73
N ARG A 338 8.71 22.78 -26.71
CA ARG A 338 9.93 23.13 -25.99
C ARG A 338 10.29 22.14 -24.90
N ASP A 339 9.49 21.11 -24.68
CA ASP A 339 9.77 20.06 -23.71
C ASP A 339 10.15 18.77 -24.42
N ASN A 340 10.41 17.72 -23.64
CA ASN A 340 10.80 16.42 -24.16
C ASN A 340 9.98 15.32 -23.48
N GLY A 341 8.67 15.53 -23.38
CA GLY A 341 7.81 14.50 -22.85
C GLY A 341 7.71 13.31 -23.79
N MET A 342 7.34 12.16 -23.22
CA MET A 342 7.32 10.93 -24.01
C MET A 342 6.20 10.94 -25.04
N GLN A 343 5.05 11.54 -24.72
CA GLN A 343 3.87 11.51 -25.57
C GLN A 343 3.83 12.79 -26.42
N LYS A 344 3.85 12.61 -27.73
CA LYS A 344 3.80 13.72 -28.68
C LYS A 344 2.51 13.65 -29.48
N CYS A 345 2.16 14.77 -30.12
CA CYS A 345 0.96 14.82 -30.94
C CYS A 345 1.08 13.99 -32.21
N SER A 346 2.27 13.48 -32.52
CA SER A 346 2.46 12.61 -33.67
C SER A 346 2.23 11.14 -33.35
N HIS A 347 1.99 10.80 -32.08
CA HIS A 347 1.69 9.44 -31.68
C HIS A 347 0.20 9.13 -31.71
N ILE A 348 -0.62 10.09 -32.17
CA ILE A 348 -2.07 9.93 -32.21
C ILE A 348 -2.42 8.77 -33.13
N PRO A 349 -3.19 7.78 -32.66
CA PRO A 349 -3.64 6.72 -33.56
C PRO A 349 -4.50 7.27 -34.68
N GLY A 350 -4.39 6.66 -35.86
CA GLY A 350 -5.17 7.09 -37.00
C GLY A 350 -6.63 6.71 -36.87
N ARG A 351 -7.42 7.21 -37.81
CA ARG A 351 -8.85 6.94 -37.80
C ARG A 351 -9.12 5.44 -37.91
N ARG A 352 -10.15 4.99 -37.21
CA ARG A 352 -10.52 3.58 -37.22
C ARG A 352 -12.04 3.42 -37.24
N ILE A 381 -9.23 12.04 -45.52
CA ILE A 381 -9.79 10.73 -45.23
C ILE A 381 -9.59 10.37 -43.76
N ASN A 382 -8.58 11.00 -43.14
CA ASN A 382 -8.24 10.74 -41.74
C ASN A 382 -8.24 12.05 -40.98
N TRP A 383 -9.14 12.18 -40.01
CA TRP A 383 -9.22 13.41 -39.22
C TRP A 383 -8.16 13.47 -38.14
N ASN A 384 -7.77 12.33 -37.58
CA ASN A 384 -6.86 12.33 -36.45
C ASN A 384 -5.50 12.92 -36.80
N GLN A 385 -5.05 12.76 -38.05
CA GLN A 385 -3.72 13.19 -38.44
C GLN A 385 -3.56 14.71 -38.40
N TYR A 386 -4.65 15.47 -38.30
CA TYR A 386 -4.59 16.93 -38.29
C TYR A 386 -4.57 17.52 -36.89
N TYR A 387 -4.53 16.67 -35.85
CA TYR A 387 -4.30 17.14 -34.48
C TYR A 387 -2.81 17.27 -34.28
N ASN A 388 -2.25 18.43 -34.63
CA ASN A 388 -0.80 18.61 -34.65
C ASN A 388 -0.41 19.95 -34.03
N VAL A 389 -1.07 20.34 -32.95
CA VAL A 389 -0.67 21.51 -32.17
C VAL A 389 -0.92 21.19 -30.70
N CYS A 390 0.14 21.29 -29.89
CA CYS A 390 0.07 20.99 -28.46
C CYS A 390 0.13 22.30 -27.69
N ARG A 391 -1.04 22.79 -27.27
CA ARG A 391 -1.13 24.02 -26.49
C ARG A 391 -2.07 23.78 -25.31
N SER A 392 -1.94 24.66 -24.31
CA SER A 392 -2.68 24.48 -23.07
C SER A 392 -4.18 24.45 -23.33
N GLY A 393 -4.87 23.56 -22.62
CA GLY A 393 -6.30 23.42 -22.73
C GLY A 393 -7.05 24.26 -21.72
N ASP A 394 -8.16 23.72 -21.22
CA ASP A 394 -9.00 24.42 -20.26
C ASP A 394 -9.42 23.54 -19.08
N SER A 395 -8.78 22.39 -18.88
CA SER A 395 -9.12 21.52 -17.78
C SER A 395 -7.97 20.58 -17.50
N ASN A 396 -7.75 20.29 -16.22
CA ASN A 396 -6.75 19.32 -15.79
C ASN A 396 -7.39 17.95 -15.66
N PRO A 397 -6.59 16.89 -15.55
CA PRO A 397 -7.17 15.54 -15.45
C PRO A 397 -8.09 15.40 -14.25
N HIS A 398 -9.14 14.60 -14.43
CA HIS A 398 -10.06 14.24 -13.35
C HIS A 398 -10.86 15.45 -12.86
N ASN A 399 -11.42 16.19 -13.82
CA ASN A 399 -12.25 17.37 -13.51
C ASN A 399 -11.47 18.38 -12.67
N GLY A 400 -10.18 18.54 -12.97
CA GLY A 400 -9.36 19.52 -12.30
C GLY A 400 -8.76 19.08 -10.98
N ALA A 401 -8.96 17.82 -10.57
CA ALA A 401 -8.50 17.38 -9.26
C ALA A 401 -6.98 17.20 -9.23
N ILE A 402 -6.41 16.63 -10.28
CA ILE A 402 -4.99 16.29 -10.32
C ILE A 402 -4.28 17.34 -11.18
N ASN A 403 -3.41 18.13 -10.55
CA ASN A 403 -2.63 19.13 -11.25
C ASN A 403 -1.60 19.69 -10.29
N PHE A 404 -0.67 20.48 -10.83
CA PHE A 404 0.38 21.10 -10.05
C PHE A 404 0.40 22.61 -10.26
N ASP A 405 -0.76 23.20 -10.55
CA ASP A 405 -0.84 24.61 -10.88
C ASP A 405 -0.48 25.51 -9.71
N ASN A 406 -0.56 25.00 -8.48
CA ASN A 406 -0.24 25.79 -7.31
C ASN A 406 0.09 24.85 -6.16
N ILE A 407 0.49 25.44 -5.03
CA ILE A 407 0.91 24.64 -3.89
C ILE A 407 -0.26 23.84 -3.34
N GLY A 408 -1.46 24.41 -3.37
CA GLY A 408 -2.62 23.70 -2.86
C GLY A 408 -2.90 22.42 -3.63
N TYR A 409 -2.90 22.52 -4.96
CA TYR A 409 -3.16 21.34 -5.79
C TYR A 409 -1.96 20.41 -5.89
N ALA A 410 -0.76 20.90 -5.55
CA ALA A 410 0.41 20.03 -5.52
C ALA A 410 0.41 19.14 -4.28
N TRP A 411 -0.11 19.65 -3.16
CA TRP A 411 -0.16 18.85 -1.95
C TRP A 411 -1.18 17.72 -2.05
N ILE A 412 -2.30 17.96 -2.74
CA ILE A 412 -3.25 16.87 -2.97
C ILE A 412 -2.59 15.75 -3.75
N ALA A 413 -1.77 16.10 -4.74
CA ALA A 413 -1.06 15.08 -5.51
C ALA A 413 0.01 14.39 -4.65
N ILE A 414 0.74 15.16 -3.84
CA ILE A 414 1.79 14.57 -3.02
C ILE A 414 1.20 13.67 -1.94
N PHE A 415 0.10 14.11 -1.32
CA PHE A 415 -0.54 13.27 -0.31
C PHE A 415 -1.01 11.95 -0.91
N GLN A 416 -1.54 11.98 -2.14
CA GLN A 416 -2.00 10.76 -2.78
C GLN A 416 -0.84 9.81 -3.06
N VAL A 417 0.34 10.35 -3.39
CA VAL A 417 1.50 9.51 -3.62
C VAL A 417 1.96 8.86 -2.32
N ILE A 418 1.90 9.61 -1.21
CA ILE A 418 2.34 9.09 0.07
C ILE A 418 1.47 7.91 0.53
N THR A 419 0.19 7.89 0.16
CA THR A 419 -0.68 6.78 0.47
C THR A 419 -0.54 5.61 -0.49
N LEU A 420 0.31 5.75 -1.51
CA LEU A 420 0.61 4.67 -2.45
C LEU A 420 -0.62 4.21 -3.23
N GLU A 421 -1.61 5.09 -3.40
CA GLU A 421 -2.81 4.79 -4.18
C GLU A 421 -2.82 5.68 -5.40
N GLY A 422 -2.69 5.07 -6.58
CA GLY A 422 -2.71 5.84 -7.82
C GLY A 422 -1.51 6.72 -8.03
N TRP A 423 -0.41 6.48 -7.33
CA TRP A 423 0.78 7.32 -7.51
C TRP A 423 1.43 7.11 -8.87
N VAL A 424 1.22 5.96 -9.50
CA VAL A 424 1.76 5.74 -10.84
C VAL A 424 1.03 6.61 -11.86
N ASP A 425 -0.30 6.74 -11.71
CA ASP A 425 -1.07 7.52 -12.67
C ASP A 425 -0.58 8.97 -12.71
N ILE A 426 -0.26 9.54 -11.55
CA ILE A 426 0.30 10.88 -11.52
C ILE A 426 1.67 10.89 -12.19
N MET A 427 2.48 9.86 -11.95
CA MET A 427 3.81 9.79 -12.54
C MET A 427 3.72 9.73 -14.06
N TYR A 428 2.79 8.92 -14.59
CA TYR A 428 2.68 8.77 -16.04
C TYR A 428 2.21 10.07 -16.69
N TYR A 429 1.45 10.90 -15.97
CA TYR A 429 0.98 12.14 -16.56
C TYR A 429 2.12 13.11 -16.81
N VAL A 430 3.06 13.22 -15.86
CA VAL A 430 4.20 14.11 -16.03
C VAL A 430 5.30 13.48 -16.88
N MET A 431 5.35 12.15 -16.95
CA MET A 431 6.27 11.51 -17.89
C MET A 431 5.82 11.71 -19.33
N ASP A 432 4.51 11.79 -19.56
CA ASP A 432 3.97 12.03 -20.89
C ASP A 432 4.07 13.48 -21.33
N ALA A 433 4.33 14.41 -20.41
CA ALA A 433 4.28 15.83 -20.71
C ALA A 433 5.59 16.57 -20.52
N HIS A 434 6.43 16.15 -19.58
CA HIS A 434 7.66 16.88 -19.25
C HIS A 434 8.91 16.10 -19.61
N SER A 435 9.10 14.90 -19.07
CA SER A 435 10.32 14.14 -19.32
C SER A 435 10.17 12.76 -18.73
N PHE A 436 10.82 11.78 -19.36
CA PHE A 436 10.81 10.42 -18.83
C PHE A 436 11.52 10.32 -17.49
N TYR A 437 12.49 11.19 -17.23
CA TYR A 437 13.31 11.10 -16.02
C TYR A 437 12.63 11.69 -14.79
N ASN A 438 11.31 11.84 -14.84
CA ASN A 438 10.57 12.28 -13.67
C ASN A 438 10.30 11.16 -12.67
N PHE A 439 10.66 9.92 -13.01
CA PHE A 439 10.52 8.83 -12.05
C PHE A 439 11.49 9.00 -10.88
N ILE A 440 12.54 9.80 -11.04
CA ILE A 440 13.43 10.11 -9.92
C ILE A 440 12.67 10.88 -8.85
N TYR A 441 11.84 11.84 -9.26
CA TYR A 441 11.08 12.62 -8.31
C TYR A 441 10.16 11.75 -7.47
N PHE A 442 9.52 10.76 -8.09
CA PHE A 442 8.58 9.91 -7.39
C PHE A 442 9.26 8.74 -6.68
N ILE A 443 10.43 8.31 -7.14
CA ILE A 443 11.14 7.25 -6.42
C ILE A 443 11.66 7.78 -5.09
N LEU A 444 12.15 9.02 -5.07
CA LEU A 444 12.59 9.61 -3.81
C LEU A 444 11.43 9.85 -2.87
N LEU A 445 10.31 10.34 -3.40
CA LEU A 445 9.15 10.62 -2.55
C LEU A 445 8.63 9.35 -1.89
N ILE A 446 8.58 8.24 -2.64
CA ILE A 446 8.13 6.98 -2.06
C ILE A 446 9.07 6.46 -1.00
N ILE A 447 10.34 6.86 -1.02
CA ILE A 447 11.31 6.37 -0.05
C ILE A 447 11.33 7.31 1.15
N VAL A 448 11.59 8.59 0.90
CA VAL A 448 11.73 9.56 1.99
C VAL A 448 10.40 9.73 2.72
N GLY A 449 9.31 9.89 1.97
CA GLY A 449 8.03 10.21 2.58
C GLY A 449 7.14 9.02 2.84
N SER A 450 6.94 8.16 1.83
CA SER A 450 5.96 7.09 1.96
C SER A 450 6.43 6.01 2.92
N PHE A 451 7.73 5.72 2.92
CA PHE A 451 8.27 4.65 3.76
C PHE A 451 8.77 5.16 5.11
N PHE A 452 9.76 6.06 5.09
CA PHE A 452 10.43 6.44 6.32
C PHE A 452 9.57 7.37 7.18
N MET A 453 8.98 8.39 6.55
CA MET A 453 8.22 9.37 7.32
C MET A 453 6.96 8.75 7.91
N ILE A 454 6.21 8.00 7.10
CA ILE A 454 4.96 7.41 7.58
C ILE A 454 5.18 6.26 8.55
N ASN A 455 6.40 5.71 8.62
CA ASN A 455 6.72 4.67 9.57
C ASN A 455 7.43 5.19 10.82
N LEU A 456 8.19 6.29 10.68
CA LEU A 456 8.73 6.94 11.87
C LEU A 456 7.61 7.36 12.81
N CYS A 457 6.41 7.59 12.28
CA CYS A 457 5.26 7.82 13.14
C CYS A 457 4.94 6.60 13.98
N LEU A 458 4.99 5.42 13.36
CA LEU A 458 4.73 4.18 14.10
C LEU A 458 5.79 3.95 15.16
N VAL A 459 7.06 4.22 14.84
CA VAL A 459 8.14 4.01 15.78
C VAL A 459 7.98 4.93 16.99
N VAL A 460 7.66 6.20 16.75
CA VAL A 460 7.57 7.17 17.84
C VAL A 460 6.43 6.82 18.77
N ILE A 461 5.27 6.47 18.22
CA ILE A 461 4.11 6.17 19.06
C ILE A 461 4.36 4.93 19.90
N ALA A 462 4.87 3.86 19.27
CA ALA A 462 5.10 2.62 19.98
C ALA A 462 6.11 2.80 21.10
N THR A 463 7.17 3.57 20.84
CA THR A 463 8.15 3.85 21.89
C THR A 463 7.51 4.62 23.04
N GLN A 464 6.70 5.64 22.72
CA GLN A 464 6.13 6.48 23.75
C GLN A 464 5.11 5.72 24.59
N PHE A 465 4.32 4.86 23.96
CA PHE A 465 3.35 4.05 24.70
C PHE A 465 4.06 3.16 25.72
N SER A 466 5.16 2.52 25.31
CA SER A 466 5.95 1.74 26.26
C SER A 466 6.45 2.61 27.40
N GLU A 467 6.63 3.90 27.16
CA GLU A 467 7.13 4.83 28.16
C GLU A 467 6.02 5.37 29.06
N THR A 468 4.77 4.97 28.85
CA THR A 468 3.65 5.43 29.66
C THR A 468 2.84 4.24 30.16
N ARG A 551 -9.14 -47.37 28.03
CA ARG A 551 -7.76 -47.83 27.88
C ARG A 551 -7.31 -47.73 26.42
N ILE A 552 -8.06 -48.38 25.52
CA ILE A 552 -7.74 -48.30 24.11
C ILE A 552 -8.01 -46.89 23.58
N VAL A 553 -9.06 -46.24 24.08
CA VAL A 553 -9.40 -44.90 23.60
C VAL A 553 -8.25 -43.94 23.86
N ASP A 554 -7.63 -44.03 25.03
CA ASP A 554 -6.50 -43.16 25.35
C ASP A 554 -5.23 -43.53 24.59
N SER A 555 -5.22 -44.66 23.88
CA SER A 555 -4.02 -45.10 23.18
C SER A 555 -3.59 -44.06 22.15
N LYS A 556 -2.27 -43.93 21.99
CA LYS A 556 -1.74 -42.95 21.05
C LYS A 556 -2.19 -43.24 19.63
N TYR A 557 -2.21 -44.52 19.24
CA TYR A 557 -2.61 -44.88 17.88
C TYR A 557 -4.05 -44.44 17.60
N PHE A 558 -4.95 -44.63 18.58
CA PHE A 558 -6.33 -44.21 18.39
C PHE A 558 -6.43 -42.72 18.15
N SER A 559 -5.69 -41.92 18.94
CA SER A 559 -5.70 -40.48 18.73
C SER A 559 -5.14 -40.13 17.35
N ARG A 560 -4.05 -40.79 16.95
CA ARG A 560 -3.51 -40.57 15.61
C ARG A 560 -4.51 -41.01 14.54
N GLY A 561 -5.18 -42.13 14.75
CA GLY A 561 -6.17 -42.58 13.79
C GLY A 561 -7.31 -41.59 13.63
N ILE A 562 -7.82 -41.07 14.74
CA ILE A 562 -8.87 -40.06 14.68
C ILE A 562 -8.35 -38.79 14.01
N MET A 563 -7.12 -38.39 14.34
CA MET A 563 -6.55 -37.18 13.74
C MET A 563 -6.45 -37.33 12.23
N MET A 564 -6.01 -38.49 11.75
CA MET A 564 -5.92 -38.71 10.30
C MET A 564 -7.29 -38.65 9.65
N ALA A 565 -8.31 -39.19 10.32
CA ALA A 565 -9.65 -39.19 9.74
C ALA A 565 -10.14 -37.76 9.51
N ILE A 566 -9.92 -36.87 10.48
CA ILE A 566 -10.33 -35.49 10.31
C ILE A 566 -9.57 -34.82 9.17
N LEU A 567 -8.25 -35.04 9.12
CA LEU A 567 -7.45 -34.39 8.09
C LEU A 567 -7.86 -34.83 6.70
N VAL A 568 -8.09 -36.13 6.50
CA VAL A 568 -8.48 -36.62 5.19
C VAL A 568 -9.84 -36.06 4.81
N ASN A 569 -10.78 -36.00 5.75
CA ASN A 569 -12.09 -35.44 5.47
C ASN A 569 -11.99 -33.98 5.05
N THR A 570 -11.11 -33.22 5.71
CA THR A 570 -10.92 -31.83 5.35
C THR A 570 -10.41 -31.69 3.92
N LEU A 571 -9.44 -32.53 3.54
CA LEU A 571 -8.91 -32.49 2.19
C LEU A 571 -9.99 -32.82 1.16
N SER A 572 -10.84 -33.78 1.48
CA SER A 572 -11.91 -34.17 0.55
C SER A 572 -12.86 -33.00 0.30
N MET A 573 -13.17 -32.23 1.33
CA MET A 573 -14.09 -31.10 1.18
C MET A 573 -13.60 -30.07 0.19
N GLY A 574 -12.29 -29.99 -0.04
CA GLY A 574 -11.71 -29.00 -0.92
C GLY A 574 -11.51 -29.45 -2.36
N VAL A 575 -12.11 -30.57 -2.76
CA VAL A 575 -11.93 -31.10 -4.10
C VAL A 575 -13.10 -30.76 -5.01
N GLU A 576 -14.01 -29.89 -4.58
CA GLU A 576 -15.15 -29.51 -5.40
C GLU A 576 -14.78 -28.37 -6.33
N TYR A 577 -15.46 -28.32 -7.48
CA TYR A 577 -15.20 -27.30 -8.47
C TYR A 577 -16.42 -27.18 -9.38
N HIS A 578 -16.41 -26.15 -10.22
CA HIS A 578 -17.51 -25.91 -11.13
C HIS A 578 -17.60 -27.00 -12.18
N GLU A 579 -18.80 -27.21 -12.72
CA GLU A 579 -19.05 -28.28 -13.68
C GLU A 579 -18.63 -29.63 -13.10
N GLN A 580 -18.97 -29.85 -11.83
CA GLN A 580 -18.55 -31.06 -11.14
C GLN A 580 -19.22 -32.28 -11.76
N PRO A 581 -18.46 -33.33 -12.08
CA PRO A 581 -19.09 -34.57 -12.55
C PRO A 581 -20.03 -35.15 -11.51
N GLU A 582 -21.11 -35.77 -11.99
CA GLU A 582 -22.11 -36.32 -11.08
C GLU A 582 -21.52 -37.41 -10.20
N GLU A 583 -20.68 -38.28 -10.77
CA GLU A 583 -20.09 -39.36 -9.99
C GLU A 583 -19.22 -38.82 -8.86
N LEU A 584 -18.45 -37.77 -9.13
CA LEU A 584 -17.59 -37.20 -8.09
C LEU A 584 -18.43 -36.66 -6.94
N THR A 585 -19.56 -36.01 -7.25
CA THR A 585 -20.45 -35.54 -6.20
C THR A 585 -20.98 -36.70 -5.37
N ASN A 586 -21.36 -37.79 -6.03
CA ASN A 586 -21.86 -38.96 -5.30
C ASN A 586 -20.79 -39.54 -4.38
N ALA A 587 -19.55 -39.63 -4.87
CA ALA A 587 -18.48 -40.18 -4.05
C ALA A 587 -18.26 -39.32 -2.81
N LEU A 588 -18.30 -38.00 -2.96
CA LEU A 588 -18.07 -37.12 -1.81
C LEU A 588 -19.13 -37.35 -0.73
N GLU A 589 -20.40 -37.47 -1.13
CA GLU A 589 -21.45 -37.67 -0.16
C GLU A 589 -21.28 -39.00 0.57
N ILE A 590 -20.92 -40.06 -0.16
CA ILE A 590 -20.64 -41.34 0.49
C ILE A 590 -19.48 -41.18 1.46
N SER A 591 -18.44 -40.46 1.06
CA SER A 591 -17.32 -40.20 1.97
C SER A 591 -17.79 -39.46 3.20
N ASN A 592 -18.64 -38.45 3.03
CA ASN A 592 -19.19 -37.74 4.18
C ASN A 592 -20.00 -38.67 5.07
N ILE A 593 -20.75 -39.59 4.46
CA ILE A 593 -21.53 -40.55 5.25
C ILE A 593 -20.62 -41.38 6.12
N VAL A 594 -19.51 -41.85 5.57
CA VAL A 594 -18.59 -42.71 6.32
C VAL A 594 -17.93 -41.93 7.46
N PHE A 595 -17.40 -40.73 7.14
CA PHE A 595 -16.61 -40.01 8.13
C PHE A 595 -17.45 -39.62 9.35
N THR A 596 -18.66 -39.09 9.12
CA THR A 596 -19.52 -38.73 10.23
C THR A 596 -19.87 -39.95 11.08
N SER A 597 -20.05 -41.11 10.44
CA SER A 597 -20.28 -42.34 11.19
C SER A 597 -19.07 -42.68 12.04
N MET A 598 -17.86 -42.49 11.51
CA MET A 598 -16.65 -42.77 12.28
C MET A 598 -16.60 -41.89 13.52
N PHE A 599 -16.88 -40.60 13.38
CA PHE A 599 -16.94 -39.73 14.55
C PHE A 599 -18.05 -40.17 15.49
N ALA A 600 -19.20 -40.60 14.94
CA ALA A 600 -20.26 -41.13 15.78
C ALA A 600 -19.78 -42.37 16.54
N LEU A 601 -19.03 -43.24 15.87
CA LEU A 601 -18.45 -44.39 16.56
C LEU A 601 -17.54 -43.96 17.69
N GLU A 602 -16.69 -42.96 17.43
CA GLU A 602 -15.87 -42.40 18.50
C GLU A 602 -16.73 -41.70 19.56
N MET A 603 -17.83 -41.09 19.14
CA MET A 603 -18.73 -40.46 20.10
C MET A 603 -19.30 -41.47 21.08
N LEU A 604 -19.65 -42.66 20.58
CA LEU A 604 -20.22 -43.68 21.46
C LEU A 604 -19.15 -44.29 22.35
N LEU A 605 -17.97 -44.58 21.78
CA LEU A 605 -16.94 -45.28 22.54
C LEU A 605 -16.50 -44.46 23.76
N LYS A 606 -16.27 -43.16 23.57
CA LYS A 606 -15.83 -42.33 24.68
C LYS A 606 -16.90 -42.22 25.76
N LEU A 607 -18.18 -42.20 25.37
CA LEU A 607 -19.25 -42.12 26.35
C LEU A 607 -19.24 -43.34 27.27
N LEU A 608 -19.08 -44.54 26.70
CA LEU A 608 -19.11 -45.75 27.50
C LEU A 608 -17.95 -45.78 28.49
N ALA A 609 -16.74 -45.42 28.05
CA ALA A 609 -15.57 -45.51 28.91
C ALA A 609 -15.68 -44.57 30.10
N CYS A 610 -16.13 -43.33 29.87
CA CYS A 610 -16.18 -42.31 30.91
C CYS A 610 -17.59 -42.03 31.42
N GLY A 611 -18.62 -42.48 30.72
CA GLY A 611 -19.98 -42.24 31.15
C GLY A 611 -20.48 -40.87 30.74
N PRO A 612 -21.79 -40.65 30.82
CA PRO A 612 -22.33 -39.36 30.40
C PRO A 612 -21.76 -38.18 31.17
N LEU A 613 -21.54 -38.33 32.48
CA LEU A 613 -20.99 -37.23 33.27
C LEU A 613 -19.50 -37.07 33.02
N GLY A 614 -18.78 -38.18 32.87
CA GLY A 614 -17.34 -38.10 32.61
C GLY A 614 -17.03 -37.41 31.29
N TYR A 615 -17.80 -37.74 30.25
CA TYR A 615 -17.57 -37.13 28.94
C TYR A 615 -17.77 -35.62 28.99
N ILE A 616 -18.83 -35.17 29.67
CA ILE A 616 -19.09 -33.73 29.77
C ILE A 616 -17.98 -33.00 30.48
N ARG A 617 -17.19 -33.69 31.30
CA ARG A 617 -16.13 -33.03 32.06
C ARG A 617 -15.13 -32.36 31.13
N ASN A 618 -14.71 -33.06 30.08
CA ASN A 618 -13.70 -32.54 29.18
C ASN A 618 -14.32 -31.46 28.29
N PRO A 619 -13.73 -30.26 28.21
CA PRO A 619 -14.35 -29.22 27.38
C PRO A 619 -14.32 -29.54 25.90
N TYR A 620 -13.21 -30.11 25.40
CA TYR A 620 -13.15 -30.49 23.99
C TYR A 620 -14.19 -31.54 23.66
N ASN A 621 -14.40 -32.51 24.56
CA ASN A 621 -15.40 -33.53 24.34
C ASN A 621 -16.78 -32.91 24.12
N ILE A 622 -17.08 -31.80 24.80
CA ILE A 622 -18.35 -31.12 24.60
C ILE A 622 -18.47 -30.64 23.15
N PHE A 623 -17.40 -30.03 22.64
CA PHE A 623 -17.44 -29.51 21.27
C PHE A 623 -17.69 -30.61 20.26
N ASP A 624 -17.01 -31.75 20.42
CA ASP A 624 -17.20 -32.86 19.49
C ASP A 624 -18.64 -33.31 19.46
N GLY A 625 -19.28 -33.40 20.63
CA GLY A 625 -20.68 -33.81 20.68
C GLY A 625 -21.57 -32.88 19.88
N ILE A 626 -21.29 -31.58 19.90
CA ILE A 626 -22.08 -30.63 19.12
C ILE A 626 -21.94 -30.88 17.63
N ILE A 627 -20.81 -31.45 17.19
CA ILE A 627 -20.60 -31.67 15.77
C ILE A 627 -21.31 -32.92 15.27
N VAL A 628 -21.40 -33.97 16.09
CA VAL A 628 -21.98 -35.22 15.63
C VAL A 628 -23.48 -35.06 15.38
N VAL A 629 -24.16 -34.30 16.24
CA VAL A 629 -25.61 -34.16 16.11
C VAL A 629 -25.97 -33.47 14.78
N ILE A 630 -25.22 -32.43 14.42
CA ILE A 630 -25.51 -31.72 13.17
C ILE A 630 -25.15 -32.60 11.97
N SER A 631 -24.04 -33.32 12.07
CA SER A 631 -23.63 -34.19 10.95
C SER A 631 -24.70 -35.23 10.67
N VAL A 632 -25.20 -35.88 11.72
CA VAL A 632 -26.28 -36.85 11.53
C VAL A 632 -27.57 -36.14 11.13
N TRP A 633 -27.83 -34.97 11.71
CA TRP A 633 -29.01 -34.20 11.35
C TRP A 633 -29.07 -33.96 9.85
N GLU A 634 -27.92 -33.63 9.24
CA GLU A 634 -27.91 -33.36 7.81
C GLU A 634 -28.36 -34.57 7.01
N ILE A 635 -27.86 -35.76 7.36
CA ILE A 635 -28.26 -36.96 6.65
C ILE A 635 -29.73 -37.27 6.89
N VAL A 636 -30.16 -37.23 8.15
CA VAL A 636 -31.56 -37.52 8.47
C VAL A 636 -32.47 -36.47 7.85
N GLY A 637 -32.01 -35.22 7.80
CA GLY A 637 -32.80 -34.14 7.23
C GLY A 637 -32.80 -34.08 5.72
N GLN A 638 -32.11 -34.99 5.06
CA GLN A 638 -32.09 -35.03 3.60
C GLN A 638 -33.51 -35.16 3.04
N SER A 644 -29.37 -27.50 3.17
CA SER A 644 -28.04 -27.31 2.60
C SER A 644 -27.24 -26.31 3.42
N VAL A 645 -27.90 -25.59 4.33
CA VAL A 645 -27.20 -24.64 5.18
C VAL A 645 -26.22 -25.36 6.09
N LEU A 646 -26.59 -26.55 6.57
CA LEU A 646 -25.68 -27.34 7.40
C LEU A 646 -24.43 -27.74 6.64
N ARG A 647 -24.49 -27.78 5.30
CA ARG A 647 -23.30 -28.14 4.53
C ARG A 647 -22.17 -27.15 4.78
N THR A 648 -22.49 -25.85 4.83
CA THR A 648 -21.48 -24.85 5.13
C THR A 648 -20.91 -25.01 6.54
N PHE A 649 -21.68 -25.61 7.45
CA PHE A 649 -21.22 -25.84 8.82
C PHE A 649 -20.25 -27.01 8.93
N ARG A 650 -20.06 -27.78 7.86
CA ARG A 650 -19.12 -28.90 7.91
C ARG A 650 -17.68 -28.43 8.07
N LEU A 651 -17.38 -27.17 7.76
CA LEU A 651 -16.01 -26.67 7.88
C LEU A 651 -15.55 -26.58 9.33
N LEU A 652 -16.48 -26.65 10.29
CA LEU A 652 -16.10 -26.57 11.69
C LEU A 652 -15.35 -27.80 12.18
N ARG A 653 -15.37 -28.90 11.42
CA ARG A 653 -14.68 -30.11 11.84
C ARG A 653 -13.18 -29.88 11.98
N VAL A 654 -12.64 -28.89 11.27
CA VAL A 654 -11.22 -28.58 11.39
C VAL A 654 -10.85 -28.16 12.80
N LEU A 655 -11.79 -27.54 13.51
CA LEU A 655 -11.52 -27.11 14.87
C LEU A 655 -11.22 -28.28 15.80
N LYS A 656 -11.59 -29.50 15.40
CA LYS A 656 -11.28 -30.66 16.22
C LYS A 656 -9.77 -30.87 16.36
N LEU A 657 -9.00 -30.46 15.35
CA LEU A 657 -7.56 -30.72 15.37
C LEU A 657 -6.84 -30.00 16.50
N VAL A 658 -7.48 -29.00 17.13
CA VAL A 658 -6.84 -28.29 18.22
C VAL A 658 -6.51 -29.25 19.36
N ARG A 659 -7.29 -30.32 19.52
CA ARG A 659 -7.04 -31.27 20.59
C ARG A 659 -5.65 -31.90 20.47
N PHE A 660 -5.16 -32.09 19.24
CA PHE A 660 -3.96 -32.87 19.00
C PHE A 660 -2.77 -32.03 18.56
N LEU A 661 -2.85 -30.71 18.71
CA LEU A 661 -1.77 -29.80 18.30
C LEU A 661 -1.45 -28.87 19.47
N PRO A 662 -0.57 -29.29 20.38
CA PRO A 662 -0.30 -28.44 21.55
C PRO A 662 0.38 -27.13 21.20
N ALA A 663 1.27 -27.12 20.18
CA ALA A 663 1.94 -25.88 19.81
C ALA A 663 0.93 -24.85 19.29
N LEU A 664 0.10 -25.26 18.33
CA LEU A 664 -0.93 -24.36 17.83
C LEU A 664 -1.95 -24.04 18.91
N ARG A 665 -2.27 -25.02 19.77
CA ARG A 665 -3.21 -24.78 20.85
C ARG A 665 -2.70 -23.68 21.78
N ARG A 666 -1.40 -23.71 22.10
CA ARG A 666 -0.82 -22.63 22.91
C ARG A 666 -0.90 -21.31 22.16
N GLN A 667 -0.56 -21.32 20.86
CA GLN A 667 -0.56 -20.08 20.10
C GLN A 667 -1.95 -19.48 20.01
N LEU A 668 -2.97 -20.32 19.76
CA LEU A 668 -4.33 -19.80 19.65
C LEU A 668 -4.77 -19.16 20.95
N VAL A 669 -4.29 -19.68 22.09
CA VAL A 669 -4.62 -19.07 23.38
C VAL A 669 -4.05 -17.66 23.47
N VAL A 670 -2.81 -17.48 23.02
CA VAL A 670 -2.20 -16.16 23.07
C VAL A 670 -2.98 -15.17 22.20
N LEU A 671 -3.35 -15.60 21.00
CA LEU A 671 -4.12 -14.72 20.12
C LEU A 671 -5.48 -14.40 20.72
N VAL A 672 -6.14 -15.40 21.30
CA VAL A 672 -7.47 -15.18 21.88
C VAL A 672 -7.38 -14.19 23.04
N LYS A 673 -6.38 -14.34 23.90
CA LYS A 673 -6.18 -13.38 24.98
C LYS A 673 -5.85 -12.00 24.47
N THR A 674 -5.33 -11.87 23.24
CA THR A 674 -5.07 -10.56 22.67
C THR A 674 -6.36 -9.77 22.48
N MET A 675 -7.51 -10.43 22.44
CA MET A 675 -8.77 -9.73 22.22
C MET A 675 -9.19 -8.90 23.42
N ASP A 676 -8.75 -9.26 24.63
CA ASP A 676 -9.11 -8.47 25.80
C ASP A 676 -8.54 -7.06 25.71
N ASN A 677 -7.29 -6.94 25.25
CA ASN A 677 -6.68 -5.62 25.09
C ASN A 677 -7.21 -4.91 23.84
N VAL A 678 -7.51 -5.67 22.78
CA VAL A 678 -7.97 -5.08 21.55
C VAL A 678 -9.45 -4.70 21.62
N ALA A 679 -10.19 -5.24 22.59
CA ALA A 679 -11.62 -4.96 22.67
C ALA A 679 -11.88 -3.46 22.85
N THR A 680 -11.12 -2.81 23.74
CA THR A 680 -11.33 -1.38 23.97
C THR A 680 -11.03 -0.57 22.72
N PHE A 681 -9.95 -0.93 22.01
CA PHE A 681 -9.60 -0.18 20.80
C PHE A 681 -10.67 -0.34 19.72
N CYS A 682 -11.14 -1.57 19.50
CA CYS A 682 -12.16 -1.80 18.49
C CYS A 682 -13.39 -0.93 18.77
N THR A 683 -13.79 -0.81 20.02
CA THR A 683 -14.90 0.06 20.37
C THR A 683 -14.58 1.51 20.00
N LEU A 684 -13.31 1.90 20.05
CA LEU A 684 -12.93 3.24 19.66
C LEU A 684 -12.91 3.42 18.15
N LEU A 685 -12.64 2.34 17.40
CA LEU A 685 -12.64 2.44 15.95
C LEU A 685 -14.04 2.51 15.37
N MET A 686 -15.00 1.79 15.95
CA MET A 686 -16.37 1.88 15.48
C MET A 686 -16.95 3.27 15.72
N LEU A 687 -16.66 3.89 16.86
CA LEU A 687 -17.11 5.25 17.09
C LEU A 687 -16.46 6.21 16.11
N PHE A 688 -15.16 6.02 15.83
CA PHE A 688 -14.48 6.89 14.88
C PHE A 688 -15.09 6.75 13.49
N ILE A 689 -15.40 5.52 13.07
CA ILE A 689 -15.98 5.33 11.75
C ILE A 689 -17.40 5.87 11.70
N PHE A 690 -18.17 5.68 12.76
CA PHE A 690 -19.56 6.14 12.76
C PHE A 690 -19.64 7.65 12.60
N ILE A 691 -18.78 8.39 13.30
CA ILE A 691 -18.82 9.85 13.22
C ILE A 691 -18.51 10.31 11.80
N PHE A 692 -17.52 9.69 11.17
CA PHE A 692 -17.16 10.06 9.81
C PHE A 692 -18.15 9.53 8.78
N SER A 693 -18.95 8.51 9.12
CA SER A 693 -19.96 8.03 8.19
C SER A 693 -21.12 9.00 8.09
N ILE A 694 -21.61 9.52 9.21
CA ILE A 694 -22.71 10.47 9.16
C ILE A 694 -22.23 11.84 8.73
N LEU A 695 -20.97 12.18 9.00
CA LEU A 695 -20.40 13.41 8.48
C LEU A 695 -20.35 13.38 6.95
N GLY A 696 -19.97 12.22 6.38
CA GLY A 696 -19.95 12.10 4.95
C GLY A 696 -21.31 12.24 4.31
N MET A 697 -22.34 11.69 4.97
CA MET A 697 -23.70 11.81 4.44
C MET A 697 -24.11 13.27 4.30
N HIS A 698 -23.79 14.09 5.29
CA HIS A 698 -24.19 15.50 5.26
C HIS A 698 -23.51 16.24 4.12
N LEU A 699 -22.23 15.95 3.87
CA LEU A 699 -21.48 16.69 2.86
C LEU A 699 -21.78 16.18 1.46
N PHE A 700 -21.65 14.87 1.25
CA PHE A 700 -21.80 14.25 -0.07
C PHE A 700 -23.13 13.51 -0.21
N GLY A 701 -24.21 14.09 0.33
CA GLY A 701 -25.53 13.47 0.25
C GLY A 701 -26.15 13.56 -1.13
N CYS A 702 -26.31 12.41 -1.77
CA CYS A 702 -26.96 12.27 -3.07
C CYS A 702 -26.30 13.16 -4.13
N LYS A 703 -25.02 13.47 -3.91
CA LYS A 703 -24.26 14.30 -4.84
C LYS A 703 -23.48 13.50 -5.88
N PHE A 704 -23.24 12.21 -5.64
CA PHE A 704 -22.45 11.39 -6.55
C PHE A 704 -23.39 10.79 -7.59
N SER A 705 -23.71 11.61 -8.60
CA SER A 705 -24.59 11.18 -9.67
C SER A 705 -23.81 10.63 -10.85
N PRO A 715 -26.37 6.27 -9.72
CA PRO A 715 -25.64 6.47 -8.47
C PRO A 715 -24.41 5.57 -8.36
N ASP A 716 -23.25 6.17 -8.09
CA ASP A 716 -22.02 5.40 -7.98
C ASP A 716 -22.08 4.46 -6.79
N ARG A 717 -21.44 3.29 -6.95
CA ARG A 717 -21.45 2.30 -5.87
C ARG A 717 -20.78 2.84 -4.62
N LYS A 718 -19.76 3.69 -4.77
CA LYS A 718 -19.05 4.28 -3.64
C LYS A 718 -19.72 5.61 -3.31
N ASN A 719 -20.88 5.52 -2.65
CA ASN A 719 -21.71 6.67 -2.34
C ASN A 719 -21.96 6.75 -0.84
N PHE A 720 -22.39 7.92 -0.40
CA PHE A 720 -22.80 8.17 0.97
C PHE A 720 -24.30 8.38 1.07
N ASP A 721 -25.06 7.62 0.27
CA ASP A 721 -26.50 7.80 0.18
C ASP A 721 -27.25 7.19 1.37
N SER A 722 -26.61 6.31 2.13
CA SER A 722 -27.28 5.67 3.27
C SER A 722 -26.22 5.22 4.26
N LEU A 723 -26.68 4.87 5.46
CA LEU A 723 -25.75 4.48 6.53
C LEU A 723 -24.97 3.23 6.16
N LEU A 724 -25.64 2.23 5.57
CA LEU A 724 -24.95 0.99 5.24
C LEU A 724 -23.83 1.22 4.24
N TRP A 725 -24.10 2.00 3.19
CA TRP A 725 -23.11 2.25 2.15
C TRP A 725 -22.25 3.46 2.42
N ALA A 726 -22.53 4.22 3.48
CA ALA A 726 -21.61 5.22 3.97
C ALA A 726 -20.57 4.62 4.90
N ILE A 727 -20.94 3.61 5.68
CA ILE A 727 -19.97 2.93 6.54
C ILE A 727 -18.98 2.14 5.69
N VAL A 728 -19.45 1.50 4.62
CA VAL A 728 -18.58 0.71 3.76
C VAL A 728 -17.60 1.62 3.03
N THR A 729 -18.06 2.78 2.60
CA THR A 729 -17.18 3.70 1.88
C THR A 729 -16.14 4.34 2.78
N VAL A 730 -16.41 4.40 4.10
CA VAL A 730 -15.41 4.90 5.04
C VAL A 730 -14.41 3.80 5.41
N PHE A 731 -14.87 2.56 5.52
CA PHE A 731 -13.95 1.45 5.74
C PHE A 731 -13.05 1.24 4.51
N GLN A 732 -13.60 1.41 3.31
CA GLN A 732 -12.80 1.25 2.10
C GLN A 732 -11.70 2.31 2.03
N ILE A 733 -12.02 3.55 2.40
CA ILE A 733 -11.03 4.62 2.36
C ILE A 733 -9.89 4.31 3.34
N LEU A 734 -10.23 3.83 4.53
CA LEU A 734 -9.20 3.56 5.53
C LEU A 734 -8.30 2.39 5.15
N THR A 735 -8.79 1.46 4.33
CA THR A 735 -7.95 0.41 3.77
C THR A 735 -7.22 0.88 2.52
N GLN A 736 -7.39 2.14 2.14
CA GLN A 736 -6.69 2.72 1.00
C GLN A 736 -6.87 1.87 -0.25
N GLU A 737 -8.11 1.68 -0.69
CA GLU A 737 -8.41 1.00 -1.94
C GLU A 737 -9.38 1.87 -2.72
N ASP A 738 -8.89 2.47 -3.81
CA ASP A 738 -9.66 3.41 -4.61
C ASP A 738 -10.18 4.59 -3.80
N TRP A 739 -9.45 4.98 -2.75
CA TRP A 739 -9.84 6.15 -1.98
C TRP A 739 -9.71 7.43 -2.78
N ASN A 740 -8.89 7.44 -3.83
CA ASN A 740 -8.77 8.61 -4.68
C ASN A 740 -9.97 8.77 -5.61
N VAL A 741 -10.57 7.66 -6.04
CA VAL A 741 -11.77 7.74 -6.86
C VAL A 741 -12.87 8.48 -6.12
N VAL A 742 -13.02 8.20 -4.81
CA VAL A 742 -14.01 8.91 -4.01
C VAL A 742 -13.59 10.37 -3.84
N LEU A 743 -12.29 10.63 -3.73
CA LEU A 743 -11.83 12.01 -3.54
C LEU A 743 -12.22 12.88 -4.73
N TYR A 744 -12.03 12.37 -5.95
CA TYR A 744 -12.36 13.17 -7.12
C TYR A 744 -13.85 13.49 -7.18
N ASN A 745 -14.70 12.50 -6.86
CA ASN A 745 -16.13 12.77 -6.79
C ASN A 745 -16.46 13.77 -5.70
N GLY A 746 -15.80 13.64 -4.54
CA GLY A 746 -16.04 14.60 -3.47
C GLY A 746 -15.61 16.00 -3.84
N MET A 747 -14.44 16.13 -4.48
CA MET A 747 -13.96 17.45 -4.86
C MET A 747 -14.83 18.08 -5.94
N ALA A 748 -15.18 17.30 -6.97
CA ALA A 748 -15.97 17.85 -8.07
C ALA A 748 -17.36 18.25 -7.62
N SER A 749 -18.01 17.41 -6.80
CA SER A 749 -19.39 17.66 -6.44
C SER A 749 -19.53 18.93 -5.60
N THR A 750 -18.75 19.04 -4.52
CA THR A 750 -18.92 20.13 -3.56
C THR A 750 -17.90 21.25 -3.77
N SER A 751 -16.61 20.94 -3.64
CA SER A 751 -15.57 21.96 -3.71
C SER A 751 -14.22 21.26 -3.58
N SER A 752 -13.17 21.97 -4.01
CA SER A 752 -11.82 21.43 -3.89
C SER A 752 -11.39 21.34 -2.43
N TRP A 753 -12.03 22.10 -1.54
CA TRP A 753 -11.71 22.02 -0.12
C TRP A 753 -12.30 20.78 0.55
N ALA A 754 -13.06 19.97 -0.19
CA ALA A 754 -13.53 18.70 0.33
C ALA A 754 -12.41 17.69 0.52
N ALA A 755 -11.21 17.99 0.02
CA ALA A 755 -10.06 17.12 0.26
C ALA A 755 -9.69 17.05 1.73
N LEU A 756 -10.09 18.05 2.53
CA LEU A 756 -9.78 18.02 3.95
C LEU A 756 -10.51 16.87 4.66
N TYR A 757 -11.66 16.47 4.14
CA TYR A 757 -12.39 15.34 4.75
C TYR A 757 -11.57 14.06 4.64
N PHE A 758 -10.94 13.82 3.48
CA PHE A 758 -10.16 12.61 3.30
C PHE A 758 -8.79 12.71 3.96
N VAL A 759 -8.22 13.92 4.04
CA VAL A 759 -6.94 14.08 4.72
C VAL A 759 -7.08 13.77 6.21
N ALA A 760 -8.15 14.27 6.84
CA ALA A 760 -8.35 14.01 8.27
C ALA A 760 -8.73 12.55 8.50
N LEU A 761 -9.61 12.01 7.67
CA LEU A 761 -10.03 10.62 7.85
C LEU A 761 -8.85 9.66 7.68
N MET A 762 -8.00 9.92 6.69
CA MET A 762 -6.87 9.03 6.45
C MET A 762 -5.75 9.24 7.47
N THR A 763 -5.63 10.46 8.01
CA THR A 763 -4.55 10.75 8.95
C THR A 763 -4.87 10.23 10.34
N PHE A 764 -5.99 10.67 10.92
CA PHE A 764 -6.35 10.25 12.27
C PHE A 764 -6.65 8.77 12.34
N GLY A 765 -6.93 8.12 11.22
CA GLY A 765 -7.35 6.73 11.24
C GLY A 765 -6.23 5.74 11.00
N ASN A 766 -5.36 6.02 10.03
CA ASN A 766 -4.29 5.11 9.66
C ASN A 766 -2.97 5.42 10.36
N TYR A 767 -2.63 6.70 10.54
CA TYR A 767 -1.34 7.09 11.07
C TYR A 767 -1.41 7.49 12.55
N VAL A 768 -2.57 7.38 13.18
CA VAL A 768 -2.67 7.62 14.62
C VAL A 768 -3.33 6.42 15.30
N LEU A 769 -4.54 6.07 14.87
CA LEU A 769 -5.28 5.00 15.55
C LEU A 769 -4.68 3.63 15.26
N PHE A 770 -4.37 3.36 13.99
CA PHE A 770 -3.80 2.05 13.65
C PHE A 770 -2.47 1.84 14.35
N ASN A 771 -1.61 2.86 14.35
CA ASN A 771 -0.32 2.77 15.03
C ASN A 771 -0.47 2.74 16.55
N LEU A 772 -1.63 3.12 17.08
CA LEU A 772 -1.90 2.92 18.49
C LEU A 772 -2.24 1.45 18.78
N LEU A 773 -2.88 0.77 17.83
CA LEU A 773 -3.19 -0.64 18.01
C LEU A 773 -1.92 -1.47 18.06
N VAL A 774 -0.94 -1.15 17.21
CA VAL A 774 0.32 -1.88 17.22
C VAL A 774 1.05 -1.64 18.54
N ALA A 775 0.93 -0.44 19.10
CA ALA A 775 1.54 -0.17 20.40
C ALA A 775 0.87 -0.97 21.50
N ILE A 776 -0.45 -1.17 21.40
CA ILE A 776 -1.15 -1.97 22.39
C ILE A 776 -0.65 -3.40 22.37
N LEU A 777 -0.47 -3.96 21.18
CA LEU A 777 -0.02 -5.35 21.08
C LEU A 777 1.44 -5.48 21.52
N VAL A 778 2.30 -4.58 21.05
CA VAL A 778 3.73 -4.69 21.36
C VAL A 778 3.95 -4.59 22.86
N GLU A 779 3.30 -3.61 23.51
CA GLU A 779 3.48 -3.43 24.94
C GLU A 779 2.90 -4.60 25.73
N GLY A 780 1.79 -5.17 25.25
CA GLY A 780 1.22 -6.33 25.93
C GLY A 780 2.17 -7.52 25.92
N PHE A 781 2.78 -7.81 24.76
CA PHE A 781 3.73 -8.90 24.69
C PHE A 781 5.03 -8.55 25.39
N GLN A 782 5.52 -7.33 25.19
CA GLN A 782 6.80 -6.93 25.77
C GLN A 782 6.79 -7.04 27.29
N ALA A 783 5.64 -6.87 27.91
CA ALA A 783 5.52 -6.98 29.37
C ALA A 783 5.17 -8.41 29.77
N ARG A 1045 50.34 -33.21 -3.35
CA ARG A 1045 51.08 -31.95 -3.25
C ARG A 1045 50.28 -30.82 -3.89
N PHE A 1046 49.65 -31.11 -5.02
CA PHE A 1046 48.80 -30.11 -5.68
C PHE A 1046 47.64 -29.71 -4.78
N ARG A 1047 47.06 -30.68 -4.05
CA ARG A 1047 45.98 -30.37 -3.14
C ARG A 1047 46.38 -29.27 -2.16
N VAL A 1048 47.64 -29.27 -1.74
CA VAL A 1048 48.12 -28.23 -0.83
C VAL A 1048 48.05 -26.86 -1.51
N SER A 1049 48.44 -26.80 -2.78
CA SER A 1049 48.39 -25.53 -3.50
C SER A 1049 46.97 -24.99 -3.55
N CYS A 1050 46.00 -25.86 -3.81
CA CYS A 1050 44.60 -25.43 -3.80
C CYS A 1050 44.18 -24.95 -2.42
N GLN A 1051 44.58 -25.66 -1.36
CA GLN A 1051 44.27 -25.22 -0.01
C GLN A 1051 44.75 -23.79 0.21
N LYS A 1052 45.92 -23.46 -0.33
CA LYS A 1052 46.47 -22.12 -0.16
C LYS A 1052 45.73 -21.09 -1.01
N VAL A 1053 45.32 -21.47 -2.23
CA VAL A 1053 44.72 -20.50 -3.14
C VAL A 1053 43.33 -20.10 -2.66
N ILE A 1054 42.52 -21.07 -2.23
CA ILE A 1054 41.18 -20.74 -1.75
C ILE A 1054 41.26 -19.96 -0.44
N THR A 1055 42.21 -20.33 0.43
CA THR A 1055 42.39 -19.60 1.68
C THR A 1055 42.99 -18.22 1.46
N HIS A 1056 43.44 -17.91 0.26
CA HIS A 1056 44.01 -16.58 0.00
C HIS A 1056 42.96 -15.52 0.26
N LYS A 1057 43.41 -14.39 0.81
CA LYS A 1057 42.48 -13.33 1.23
C LYS A 1057 41.69 -12.78 0.06
N MET A 1058 42.34 -12.58 -1.09
CA MET A 1058 41.71 -11.93 -2.23
C MET A 1058 41.01 -12.90 -3.16
N PHE A 1059 40.96 -14.19 -2.81
CA PHE A 1059 40.28 -15.16 -3.67
C PHE A 1059 38.80 -14.82 -3.82
N ASP A 1060 38.13 -14.51 -2.71
CA ASP A 1060 36.71 -14.19 -2.78
C ASP A 1060 36.46 -12.93 -3.62
N HIS A 1061 37.28 -11.90 -3.41
CA HIS A 1061 37.10 -10.65 -4.15
C HIS A 1061 37.37 -10.84 -5.64
N VAL A 1062 38.35 -11.69 -5.99
CA VAL A 1062 38.60 -11.97 -7.39
C VAL A 1062 37.39 -12.66 -8.02
N VAL A 1063 36.85 -13.67 -7.34
CA VAL A 1063 35.66 -14.35 -7.85
C VAL A 1063 34.47 -13.39 -7.87
N LEU A 1064 34.32 -12.60 -6.80
CA LEU A 1064 33.19 -11.68 -6.74
C LEU A 1064 33.17 -10.72 -7.93
N VAL A 1065 34.35 -10.39 -8.47
CA VAL A 1065 34.40 -9.53 -9.64
C VAL A 1065 33.82 -10.25 -10.85
N PHE A 1066 34.12 -11.54 -11.00
CA PHE A 1066 33.58 -12.30 -12.13
C PHE A 1066 32.06 -12.41 -12.03
N ILE A 1067 31.54 -12.58 -10.82
CA ILE A 1067 30.08 -12.66 -10.64
C ILE A 1067 29.43 -11.35 -11.06
N PHE A 1068 30.02 -10.22 -10.67
CA PHE A 1068 29.44 -8.92 -11.03
C PHE A 1068 29.41 -8.76 -12.54
N LEU A 1069 30.48 -9.16 -13.23
CA LEU A 1069 30.47 -9.12 -14.69
C LEU A 1069 29.42 -10.06 -15.26
N ASN A 1070 29.11 -11.14 -14.55
CA ASN A 1070 28.06 -12.04 -15.00
C ASN A 1070 26.67 -11.45 -14.80
N CYS A 1071 26.52 -10.49 -13.88
CA CYS A 1071 25.24 -9.82 -13.72
C CYS A 1071 24.96 -8.89 -14.89
N VAL A 1072 25.99 -8.23 -15.40
CA VAL A 1072 25.81 -7.35 -16.54
C VAL A 1072 25.33 -8.14 -17.75
N THR A 1073 25.91 -9.33 -17.96
CA THR A 1073 25.51 -10.15 -19.09
C THR A 1073 24.04 -10.56 -18.98
N ILE A 1074 23.59 -10.90 -17.78
CA ILE A 1074 22.19 -11.25 -17.59
C ILE A 1074 21.30 -10.04 -17.87
N ALA A 1075 21.72 -8.86 -17.46
CA ALA A 1075 20.88 -7.67 -17.56
C ALA A 1075 20.80 -7.12 -18.98
N LEU A 1076 21.65 -7.59 -19.89
CA LEU A 1076 21.58 -7.17 -21.28
C LEU A 1076 20.63 -8.01 -22.12
N GLU A 1077 20.19 -9.17 -21.60
CA GLU A 1077 19.30 -10.05 -22.35
C GLU A 1077 17.92 -9.40 -22.47
N ARG A 1078 17.33 -9.51 -23.66
CA ARG A 1078 15.97 -9.02 -23.89
C ARG A 1078 15.44 -9.68 -25.15
N PRO A 1079 14.11 -9.73 -25.31
CA PRO A 1079 13.56 -10.44 -26.48
C PRO A 1079 13.98 -9.86 -27.82
N ASP A 1080 14.16 -8.55 -27.92
CA ASP A 1080 14.35 -7.89 -29.20
C ASP A 1080 15.78 -7.98 -29.72
N ILE A 1081 16.59 -8.89 -29.20
CA ILE A 1081 17.96 -9.06 -29.69
C ILE A 1081 17.91 -9.89 -30.97
N ASP A 1082 18.43 -9.32 -32.05
CA ASP A 1082 18.44 -10.03 -33.33
C ASP A 1082 19.44 -11.18 -33.26
N PRO A 1083 19.03 -12.42 -33.56
CA PRO A 1083 19.98 -13.54 -33.42
C PRO A 1083 21.26 -13.36 -34.22
N GLY A 1084 21.18 -12.75 -35.41
CA GLY A 1084 22.35 -12.55 -36.23
C GLY A 1084 23.20 -11.36 -35.85
N SER A 1085 22.78 -10.56 -34.88
CA SER A 1085 23.52 -9.37 -34.51
C SER A 1085 24.78 -9.75 -33.73
N THR A 1086 25.73 -8.80 -33.69
CA THR A 1086 26.98 -9.04 -32.96
C THR A 1086 26.75 -9.15 -31.47
N GLU A 1087 25.69 -8.51 -30.95
CA GLU A 1087 25.41 -8.57 -29.52
C GLU A 1087 25.07 -10.01 -29.10
N ARG A 1088 24.29 -10.71 -29.92
CA ARG A 1088 23.88 -12.07 -29.55
C ARG A 1088 25.08 -12.99 -29.44
N VAL A 1089 26.00 -12.94 -30.42
CA VAL A 1089 27.19 -13.79 -30.36
C VAL A 1089 28.05 -13.42 -29.16
N PHE A 1090 28.16 -12.12 -28.87
CA PHE A 1090 28.94 -11.70 -27.70
C PHE A 1090 28.34 -12.29 -26.42
N LEU A 1091 27.02 -12.21 -26.28
CA LEU A 1091 26.38 -12.78 -25.09
C LEU A 1091 26.59 -14.29 -25.02
N SER A 1092 26.49 -14.97 -26.16
CA SER A 1092 26.68 -16.41 -26.18
C SER A 1092 28.11 -16.79 -25.78
N VAL A 1093 29.09 -16.06 -26.29
CA VAL A 1093 30.49 -16.38 -25.98
C VAL A 1093 30.76 -16.20 -24.50
N SER A 1094 30.29 -15.09 -23.93
CA SER A 1094 30.53 -14.84 -22.51
C SER A 1094 29.94 -15.93 -21.63
N ASN A 1095 28.78 -16.46 -22.01
CA ASN A 1095 28.17 -17.53 -21.21
C ASN A 1095 29.09 -18.73 -21.10
N TYR A 1096 29.79 -19.07 -22.19
CA TYR A 1096 30.74 -20.17 -22.13
C TYR A 1096 31.92 -19.84 -21.23
N ILE A 1097 32.42 -18.60 -21.30
CA ILE A 1097 33.58 -18.20 -20.49
C ILE A 1097 33.25 -18.29 -19.02
N PHE A 1098 32.10 -17.74 -18.61
CA PHE A 1098 31.72 -17.74 -17.20
C PHE A 1098 31.43 -19.16 -16.71
N THR A 1099 30.81 -19.99 -17.56
CA THR A 1099 30.56 -21.37 -17.16
C THR A 1099 31.85 -22.11 -16.88
N ALA A 1100 32.85 -21.96 -17.75
CA ALA A 1100 34.13 -22.60 -17.52
C ALA A 1100 34.82 -22.02 -16.29
N ILE A 1101 34.74 -20.71 -16.09
CA ILE A 1101 35.41 -20.07 -14.96
C ILE A 1101 34.87 -20.63 -13.65
N PHE A 1102 33.54 -20.67 -13.52
CA PHE A 1102 32.93 -21.13 -12.27
C PHE A 1102 33.03 -22.64 -12.10
N VAL A 1103 33.24 -23.39 -13.18
CA VAL A 1103 33.51 -24.82 -13.03
C VAL A 1103 34.89 -25.02 -12.43
N ALA A 1104 35.88 -24.27 -12.91
CA ALA A 1104 37.23 -24.36 -12.34
C ALA A 1104 37.23 -23.94 -10.87
N GLU A 1105 36.51 -22.87 -10.55
CA GLU A 1105 36.44 -22.44 -9.15
C GLU A 1105 35.82 -23.51 -8.28
N MET A 1106 34.76 -24.15 -8.76
CA MET A 1106 34.19 -25.28 -8.03
C MET A 1106 35.15 -26.46 -8.02
N MET A 1107 35.82 -26.73 -9.15
CA MET A 1107 36.73 -27.87 -9.23
C MET A 1107 37.89 -27.72 -8.27
N VAL A 1108 38.47 -26.52 -8.17
CA VAL A 1108 39.61 -26.33 -7.29
C VAL A 1108 39.19 -26.48 -5.83
N LYS A 1109 37.99 -26.01 -5.49
CA LYS A 1109 37.54 -26.10 -4.10
C LYS A 1109 37.31 -27.55 -3.69
N VAL A 1110 36.71 -28.37 -4.56
CA VAL A 1110 36.44 -29.76 -4.20
C VAL A 1110 37.75 -30.51 -3.99
N VAL A 1111 38.73 -30.28 -4.86
CA VAL A 1111 40.02 -30.97 -4.73
C VAL A 1111 40.66 -30.64 -3.39
N ALA A 1112 40.57 -29.38 -2.96
CA ALA A 1112 41.18 -28.97 -1.70
C ALA A 1112 40.41 -29.47 -0.49
N LEU A 1113 39.10 -29.70 -0.63
CA LEU A 1113 38.25 -30.03 0.50
C LEU A 1113 37.54 -31.37 0.38
N GLY A 1114 37.48 -31.96 -0.81
CA GLY A 1114 36.74 -33.20 -0.99
C GLY A 1114 35.25 -32.96 -1.12
N LEU A 1115 34.56 -33.79 -1.90
CA LEU A 1115 33.13 -33.59 -2.14
C LEU A 1115 32.32 -33.69 -0.85
N LEU A 1116 32.27 -34.89 -0.26
CA LEU A 1116 31.46 -35.11 0.93
C LEU A 1116 32.14 -35.96 2.00
N SER A 1117 33.15 -36.77 1.66
CA SER A 1117 33.67 -37.73 2.62
C SER A 1117 34.24 -37.05 3.85
N GLY A 1118 35.03 -36.01 3.67
CA GLY A 1118 35.65 -35.34 4.79
C GLY A 1118 34.65 -34.62 5.67
N GLU A 1119 35.04 -34.43 6.93
CA GLU A 1119 34.20 -33.68 7.85
C GLU A 1119 34.03 -32.23 7.39
N HIS A 1120 35.09 -31.64 6.86
CA HIS A 1120 35.07 -30.28 6.32
C HIS A 1120 34.91 -30.30 4.81
N ALA A 1121 34.17 -31.27 4.29
CA ALA A 1121 34.05 -31.46 2.85
C ALA A 1121 33.38 -30.24 2.20
N TYR A 1122 33.44 -30.20 0.86
CA TYR A 1122 32.90 -29.06 0.14
C TYR A 1122 31.39 -28.93 0.34
N LEU A 1123 30.66 -30.05 0.27
CA LEU A 1123 29.21 -30.04 0.37
C LEU A 1123 28.71 -30.15 1.81
N GLN A 1124 29.52 -29.76 2.79
CA GLN A 1124 29.10 -29.78 4.18
C GLN A 1124 28.42 -28.49 4.62
N SER A 1125 28.40 -27.46 3.78
CA SER A 1125 27.72 -26.21 4.07
C SER A 1125 26.72 -25.91 2.96
N SER A 1126 25.57 -25.36 3.36
CA SER A 1126 24.51 -25.12 2.38
C SER A 1126 24.97 -24.17 1.29
N TRP A 1127 25.74 -23.13 1.64
CA TRP A 1127 26.17 -22.18 0.64
C TRP A 1127 27.01 -22.85 -0.45
N ASN A 1128 27.92 -23.75 -0.06
CA ASN A 1128 28.65 -24.53 -1.05
C ASN A 1128 27.71 -25.40 -1.86
N LEU A 1129 26.71 -25.99 -1.22
CA LEU A 1129 25.74 -26.80 -1.95
C LEU A 1129 24.99 -25.95 -2.97
N LEU A 1130 24.62 -24.73 -2.59
CA LEU A 1130 23.93 -23.84 -3.51
C LEU A 1130 24.72 -23.66 -4.81
N ASP A 1131 26.02 -23.41 -4.69
CA ASP A 1131 26.85 -23.27 -5.87
C ASP A 1131 26.91 -24.55 -6.69
N GLY A 1132 26.74 -25.71 -6.06
CA GLY A 1132 26.77 -26.96 -6.81
C GLY A 1132 25.64 -27.06 -7.82
N LEU A 1133 24.42 -26.74 -7.38
CA LEU A 1133 23.27 -26.82 -8.29
C LEU A 1133 23.41 -25.81 -9.43
N LEU A 1134 23.87 -24.60 -9.11
CA LEU A 1134 24.00 -23.58 -10.15
C LEU A 1134 25.03 -23.98 -11.20
N VAL A 1135 26.12 -24.61 -10.77
CA VAL A 1135 27.09 -25.14 -11.72
C VAL A 1135 26.51 -26.32 -12.47
N LEU A 1136 25.80 -27.20 -11.76
CA LEU A 1136 25.27 -28.41 -12.40
C LEU A 1136 24.30 -28.07 -13.52
N VAL A 1137 23.40 -27.10 -13.29
CA VAL A 1137 22.42 -26.74 -14.32
C VAL A 1137 23.13 -26.14 -15.52
N SER A 1138 24.20 -25.40 -15.28
CA SER A 1138 24.94 -24.81 -16.40
C SER A 1138 25.53 -25.89 -17.31
N LEU A 1139 26.08 -26.94 -16.73
CA LEU A 1139 26.59 -28.05 -17.54
C LEU A 1139 25.48 -28.70 -18.35
N VAL A 1140 24.32 -28.92 -17.72
CA VAL A 1140 23.19 -29.50 -18.43
C VAL A 1140 22.77 -28.60 -19.58
N ASP A 1141 22.83 -27.28 -19.38
CA ASP A 1141 22.47 -26.35 -20.44
C ASP A 1141 23.41 -26.50 -21.63
N ILE A 1142 24.70 -26.68 -21.37
CA ILE A 1142 25.65 -26.85 -22.47
C ILE A 1142 25.30 -28.09 -23.27
N VAL A 1143 24.99 -29.20 -22.59
CA VAL A 1143 24.67 -30.44 -23.28
C VAL A 1143 23.45 -30.26 -24.17
N VAL A 1144 22.39 -29.63 -23.64
CA VAL A 1144 21.19 -29.44 -24.44
C VAL A 1144 21.49 -28.51 -25.62
N ALA A 1145 22.28 -27.46 -25.38
CA ALA A 1145 22.68 -26.57 -26.47
C ALA A 1145 23.47 -27.34 -27.53
N MET A 1146 24.32 -28.28 -27.09
CA MET A 1146 25.05 -29.09 -28.05
C MET A 1146 24.10 -29.88 -28.94
N ALA A 1147 23.02 -30.41 -28.35
CA ALA A 1147 22.04 -31.17 -29.10
C ALA A 1147 21.13 -30.23 -29.91
N GLY A 1151 19.06 -29.38 -32.65
CA GLY A 1151 18.70 -30.34 -33.69
C GLY A 1151 17.83 -31.47 -33.18
N ALA A 1152 16.98 -31.16 -32.21
CA ALA A 1152 16.09 -32.16 -31.62
C ALA A 1152 14.92 -31.45 -30.97
N LYS A 1153 13.88 -32.22 -30.66
CA LYS A 1153 12.70 -31.69 -29.98
C LYS A 1153 13.03 -31.58 -28.49
N ILE A 1154 13.78 -30.53 -28.16
CA ILE A 1154 14.17 -30.26 -26.79
C ILE A 1154 13.88 -28.80 -26.46
N LEU A 1155 12.96 -28.18 -27.20
CA LEU A 1155 12.64 -26.77 -26.98
C LEU A 1155 12.07 -26.56 -25.59
N GLY A 1156 11.19 -27.44 -25.15
CA GLY A 1156 10.58 -27.28 -23.83
C GLY A 1156 11.62 -27.25 -22.72
N VAL A 1157 12.62 -28.14 -22.80
CA VAL A 1157 13.67 -28.17 -21.79
C VAL A 1157 14.48 -26.89 -21.83
N LEU A 1158 14.79 -26.40 -23.03
CA LEU A 1158 15.55 -25.15 -23.15
C LEU A 1158 14.83 -23.99 -22.47
N ARG A 1159 13.49 -24.01 -22.46
CA ARG A 1159 12.75 -22.91 -21.84
C ARG A 1159 12.87 -22.96 -20.32
N VAL A 1160 12.78 -24.15 -19.74
CA VAL A 1160 12.91 -24.28 -18.28
C VAL A 1160 14.31 -23.86 -17.85
N LEU A 1161 15.33 -24.31 -18.58
CA LEU A 1161 16.71 -23.94 -18.23
C LEU A 1161 16.91 -22.44 -18.28
N ARG A 1162 16.36 -21.78 -19.31
CA ARG A 1162 16.49 -20.33 -19.41
C ARG A 1162 15.91 -19.64 -18.18
N LEU A 1163 14.90 -20.23 -17.56
CA LEU A 1163 14.31 -19.63 -16.36
C LEU A 1163 15.22 -19.81 -15.15
N LEU A 1164 15.82 -20.99 -14.99
CA LEU A 1164 16.68 -21.25 -13.85
C LEU A 1164 18.03 -20.54 -13.95
N ARG A 1165 18.40 -20.07 -15.14
CA ARG A 1165 19.66 -19.35 -15.30
C ARG A 1165 19.59 -17.91 -14.81
N THR A 1166 18.46 -17.48 -14.26
CA THR A 1166 18.35 -16.16 -13.66
C THR A 1166 18.65 -16.16 -12.17
N LEU A 1167 18.91 -17.33 -11.58
CA LEU A 1167 19.26 -17.44 -10.18
C LEU A 1167 20.77 -17.36 -9.94
N ARG A 1168 21.56 -17.18 -11.00
CA ARG A 1168 23.00 -17.05 -10.82
C ARG A 1168 23.38 -15.94 -9.85
N PRO A 1169 22.74 -14.76 -9.86
CA PRO A 1169 23.12 -13.71 -8.91
C PRO A 1169 23.05 -14.14 -7.45
N LEU A 1170 22.39 -15.25 -7.13
CA LEU A 1170 22.31 -15.70 -5.75
C LEU A 1170 23.67 -16.04 -5.16
N ARG A 1171 24.68 -16.24 -6.01
CA ARG A 1171 26.02 -16.56 -5.52
C ARG A 1171 26.69 -15.38 -4.83
N VAL A 1172 26.16 -14.16 -4.97
CA VAL A 1172 26.76 -13.01 -4.33
C VAL A 1172 26.68 -13.09 -2.81
N ILE A 1173 25.64 -13.76 -2.28
CA ILE A 1173 25.42 -13.75 -0.84
C ILE A 1173 26.62 -14.36 -0.11
N SER A 1174 27.07 -15.53 -0.57
CA SER A 1174 28.15 -16.23 0.12
C SER A 1174 29.48 -15.49 0.04
N ARG A 1175 29.63 -14.57 -0.92
CA ARG A 1175 30.88 -13.84 -1.08
C ARG A 1175 30.92 -12.54 -0.27
N ALA A 1176 29.77 -12.01 0.12
CA ALA A 1176 29.71 -10.79 0.92
C ALA A 1176 29.38 -11.14 2.36
N PRO A 1177 30.31 -11.01 3.31
CA PRO A 1177 29.99 -11.39 4.70
C PRO A 1177 28.80 -10.62 5.26
N GLY A 1178 28.64 -9.35 4.89
CA GLY A 1178 27.51 -8.59 5.40
C GLY A 1178 26.18 -9.14 4.93
N LEU A 1179 26.08 -9.47 3.64
CA LEU A 1179 24.83 -10.03 3.12
C LEU A 1179 24.56 -11.41 3.70
N LYS A 1180 25.61 -12.21 3.90
CA LYS A 1180 25.40 -13.55 4.45
C LYS A 1180 24.80 -13.49 5.84
N LEU A 1181 25.24 -12.53 6.67
CA LEU A 1181 24.75 -12.45 8.04
C LEU A 1181 23.29 -12.05 8.09
N VAL A 1182 22.90 -11.04 7.29
CA VAL A 1182 21.52 -10.56 7.35
C VAL A 1182 20.56 -11.62 6.83
N VAL A 1183 20.96 -12.34 5.79
CA VAL A 1183 20.10 -13.40 5.26
C VAL A 1183 19.87 -14.47 6.31
N GLU A 1184 20.93 -14.88 7.00
CA GLU A 1184 20.78 -15.86 8.08
C GLU A 1184 19.93 -15.30 9.21
N THR A 1185 19.92 -13.98 9.39
CA THR A 1185 19.11 -13.37 10.45
C THR A 1185 17.63 -13.40 10.08
N LEU A 1186 17.30 -13.09 8.82
CA LEU A 1186 15.90 -13.12 8.40
C LEU A 1186 15.32 -14.52 8.54
N ILE A 1187 16.08 -15.54 8.15
CA ILE A 1187 15.61 -16.92 8.28
C ILE A 1187 15.39 -17.26 9.75
N SER A 1188 16.14 -16.62 10.64
CA SER A 1188 15.92 -16.84 12.07
C SER A 1188 14.64 -16.19 12.56
N SER A 1189 14.32 -15.00 12.04
CA SER A 1189 13.12 -14.29 12.46
C SER A 1189 11.85 -15.05 12.10
N LEU A 1190 11.92 -15.97 11.14
CA LEU A 1190 10.73 -16.71 10.74
C LEU A 1190 10.34 -17.75 11.78
N ARG A 1191 11.29 -18.21 12.59
CA ARG A 1191 10.99 -19.24 13.59
C ARG A 1191 9.97 -18.80 14.62
N PRO A 1192 10.13 -17.66 15.30
CA PRO A 1192 9.13 -17.30 16.32
C PRO A 1192 7.71 -17.17 15.80
N ILE A 1193 7.55 -16.68 14.57
CA ILE A 1193 6.23 -16.46 13.99
C ILE A 1193 5.82 -17.62 13.08
N GLY A 1194 6.48 -18.77 13.21
CA GLY A 1194 6.12 -19.91 12.38
C GLY A 1194 4.71 -20.40 12.63
N ASN A 1195 4.29 -20.43 13.90
CA ASN A 1195 2.96 -20.91 14.22
C ASN A 1195 1.89 -20.01 13.63
N ILE A 1196 2.07 -18.69 13.73
CA ILE A 1196 1.08 -17.76 13.20
C ILE A 1196 0.93 -17.95 11.70
N VAL A 1197 2.03 -18.18 10.99
CA VAL A 1197 1.96 -18.41 9.55
C VAL A 1197 1.13 -19.66 9.26
N LEU A 1198 1.36 -20.72 10.03
CA LEU A 1198 0.59 -21.94 9.81
C LEU A 1198 -0.89 -21.74 10.12
N ILE A 1199 -1.20 -20.95 11.16
CA ILE A 1199 -2.59 -20.62 11.43
C ILE A 1199 -3.15 -19.73 10.32
N CYS A 1200 -2.34 -18.79 9.82
CA CYS A 1200 -2.79 -17.96 8.72
C CYS A 1200 -3.05 -18.78 7.47
N CYS A 1201 -2.19 -19.77 7.19
CA CYS A 1201 -2.39 -20.64 6.04
C CYS A 1201 -3.59 -21.56 6.23
N ALA A 1202 -3.97 -21.84 7.47
CA ALA A 1202 -5.17 -22.65 7.72
C ALA A 1202 -6.45 -21.86 7.51
N PHE A 1203 -6.43 -20.55 7.76
CA PHE A 1203 -7.60 -19.73 7.50
C PHE A 1203 -7.80 -19.48 6.01
N PHE A 1204 -6.71 -19.42 5.24
CA PHE A 1204 -6.84 -19.25 3.80
C PHE A 1204 -7.60 -20.41 3.18
N ILE A 1205 -7.31 -21.63 3.63
CA ILE A 1205 -7.98 -22.81 3.09
C ILE A 1205 -9.43 -22.86 3.57
N ILE A 1206 -9.68 -22.52 4.83
CA ILE A 1206 -11.05 -22.57 5.36
C ILE A 1206 -11.92 -21.57 4.61
N PHE A 1207 -11.46 -20.33 4.48
CA PHE A 1207 -12.22 -19.33 3.74
C PHE A 1207 -12.19 -19.60 2.24
N GLY A 1208 -11.12 -20.24 1.75
CA GLY A 1208 -11.08 -20.60 0.35
C GLY A 1208 -12.11 -21.65 -0.01
N ILE A 1209 -12.26 -22.67 0.83
CA ILE A 1209 -13.27 -23.69 0.59
C ILE A 1209 -14.67 -23.11 0.74
N LEU A 1210 -14.87 -22.24 1.74
CA LEU A 1210 -16.17 -21.61 1.91
C LEU A 1210 -16.53 -20.75 0.71
N GLY A 1211 -15.57 -19.99 0.19
CA GLY A 1211 -15.84 -19.17 -0.98
C GLY A 1211 -16.23 -19.99 -2.19
N VAL A 1212 -15.58 -21.15 -2.38
CA VAL A 1212 -15.90 -22.00 -3.52
C VAL A 1212 -17.35 -22.45 -3.46
N GLN A 1213 -17.80 -22.86 -2.27
CA GLN A 1213 -19.17 -23.34 -2.14
C GLN A 1213 -20.17 -22.23 -2.45
N LEU A 1214 -19.88 -21.00 -2.00
CA LEU A 1214 -20.80 -19.90 -2.25
C LEU A 1214 -20.73 -19.38 -3.68
N PHE A 1215 -19.52 -19.28 -4.25
CA PHE A 1215 -19.31 -18.49 -5.46
C PHE A 1215 -18.79 -19.29 -6.65
N LYS A 1216 -18.91 -20.62 -6.65
CA LYS A 1216 -18.41 -21.37 -7.80
C LYS A 1216 -19.42 -21.31 -8.93
N GLY A 1217 -18.97 -20.87 -10.10
CA GLY A 1217 -19.80 -20.80 -11.28
C GLY A 1217 -20.64 -19.54 -11.41
N LYS A 1218 -20.61 -18.65 -10.42
CA LYS A 1218 -21.43 -17.45 -10.43
C LYS A 1218 -20.65 -16.20 -10.84
N PHE A 1219 -19.40 -16.34 -11.26
CA PHE A 1219 -18.54 -15.20 -11.59
C PHE A 1219 -18.44 -14.99 -13.10
N TYR A 1220 -19.48 -15.34 -13.84
CA TYR A 1220 -19.57 -15.07 -15.28
C TYR A 1220 -20.46 -13.87 -15.53
N TYR A 1221 -20.18 -13.14 -16.61
CA TYR A 1221 -20.96 -11.97 -16.96
C TYR A 1221 -20.95 -11.81 -18.47
N CYS A 1222 -21.98 -11.13 -18.97
CA CYS A 1222 -22.11 -10.84 -20.40
C CYS A 1222 -21.37 -9.55 -20.71
N GLU A 1223 -20.44 -9.61 -21.66
CA GLU A 1223 -19.62 -8.47 -22.03
C GLU A 1223 -20.11 -7.91 -23.35
N GLY A 1224 -20.40 -6.61 -23.37
CA GLY A 1224 -20.84 -5.95 -24.57
C GLY A 1224 -21.11 -4.47 -24.35
N PRO A 1225 -21.28 -3.72 -25.44
CA PRO A 1225 -21.57 -2.28 -25.28
C PRO A 1225 -22.83 -2.00 -24.50
N ASP A 1226 -23.86 -2.82 -24.65
CA ASP A 1226 -25.15 -2.61 -24.00
C ASP A 1226 -25.69 -3.96 -23.57
N THR A 1227 -25.93 -4.12 -22.26
CA THR A 1227 -26.40 -5.39 -21.72
C THR A 1227 -27.49 -5.18 -20.67
N ARG A 1228 -28.26 -4.09 -20.79
CA ARG A 1228 -29.37 -3.88 -19.88
C ARG A 1228 -30.49 -4.88 -20.09
N ASN A 1229 -30.57 -5.50 -21.27
CA ASN A 1229 -31.59 -6.47 -21.59
C ASN A 1229 -31.18 -7.89 -21.21
N ILE A 1230 -29.89 -8.17 -21.13
CA ILE A 1230 -29.38 -9.52 -20.96
C ILE A 1230 -29.65 -9.98 -19.53
N SER A 1231 -30.08 -11.23 -19.39
CA SER A 1231 -30.34 -11.83 -18.08
C SER A 1231 -29.77 -13.22 -17.91
N THR A 1232 -29.50 -13.97 -18.99
CA THR A 1232 -29.00 -15.33 -18.90
C THR A 1232 -27.91 -15.53 -19.95
N LYS A 1233 -27.32 -16.72 -19.94
CA LYS A 1233 -26.28 -17.03 -20.92
C LYS A 1233 -26.85 -17.03 -22.34
N ALA A 1234 -28.03 -17.62 -22.52
CA ALA A 1234 -28.61 -17.73 -23.85
C ALA A 1234 -28.86 -16.35 -24.45
N GLN A 1235 -29.41 -15.43 -23.65
CA GLN A 1235 -29.64 -14.08 -24.15
C GLN A 1235 -28.35 -13.39 -24.53
N CYS A 1236 -27.25 -13.68 -23.83
CA CYS A 1236 -25.96 -13.13 -24.20
C CYS A 1236 -25.49 -13.67 -25.55
N ARG A 1237 -25.72 -14.95 -25.82
CA ARG A 1237 -25.38 -15.51 -27.12
C ARG A 1237 -26.30 -14.99 -28.22
N ALA A 1238 -27.59 -14.87 -27.92
CA ALA A 1238 -28.55 -14.41 -28.92
C ALA A 1238 -28.22 -12.98 -29.36
N ALA A 1239 -27.86 -12.13 -28.41
CA ALA A 1239 -27.48 -10.74 -28.71
C ALA A 1239 -26.10 -10.62 -29.32
N HIS A 1240 -25.44 -11.74 -29.63
CA HIS A 1240 -24.11 -11.74 -30.25
C HIS A 1240 -23.07 -11.09 -29.35
N TYR A 1241 -23.29 -11.14 -28.03
CA TYR A 1241 -22.29 -10.70 -27.07
C TYR A 1241 -21.50 -11.90 -26.55
N ARG A 1242 -20.44 -11.62 -25.80
CA ARG A 1242 -19.54 -12.65 -25.31
C ARG A 1242 -19.80 -12.93 -23.84
N TRP A 1243 -19.82 -14.21 -23.49
CA TRP A 1243 -20.03 -14.68 -22.13
C TRP A 1243 -18.67 -15.08 -21.58
N VAL A 1244 -18.11 -14.25 -20.69
CA VAL A 1244 -16.73 -14.42 -20.23
C VAL A 1244 -16.70 -14.64 -18.72
N ARG A 1245 -15.50 -14.84 -18.18
CA ARG A 1245 -15.31 -15.15 -16.77
C ARG A 1245 -14.33 -14.15 -16.16
N ARG A 1246 -14.57 -13.82 -14.89
CA ARG A 1246 -13.65 -12.94 -14.17
C ARG A 1246 -12.31 -13.63 -13.96
N LYS A 1247 -11.23 -12.85 -14.01
CA LYS A 1247 -9.91 -13.40 -13.78
C LYS A 1247 -9.79 -13.95 -12.36
N TYR A 1248 -10.31 -13.22 -11.38
CA TYR A 1248 -10.27 -13.63 -9.98
C TYR A 1248 -11.67 -14.11 -9.59
N ASN A 1249 -11.83 -15.43 -9.53
CA ASN A 1249 -13.12 -16.04 -9.21
C ASN A 1249 -12.87 -17.12 -8.16
N PHE A 1250 -13.92 -17.89 -7.86
CA PHE A 1250 -13.87 -18.95 -6.85
C PHE A 1250 -14.36 -20.27 -7.44
N ASP A 1251 -14.02 -20.53 -8.70
CA ASP A 1251 -14.50 -21.74 -9.35
C ASP A 1251 -14.01 -22.99 -8.63
N ASN A 1252 -12.74 -23.00 -8.22
CA ASN A 1252 -12.18 -24.12 -7.49
C ASN A 1252 -11.15 -23.57 -6.50
N LEU A 1253 -10.72 -24.44 -5.57
CA LEU A 1253 -9.83 -23.99 -4.52
C LEU A 1253 -8.55 -23.38 -5.08
N GLY A 1254 -8.15 -23.80 -6.28
CA GLY A 1254 -7.03 -23.15 -6.93
C GLY A 1254 -7.31 -21.70 -7.26
N GLN A 1255 -8.48 -21.42 -7.84
CA GLN A 1255 -8.87 -20.05 -8.14
C GLN A 1255 -9.26 -19.28 -6.88
N ALA A 1256 -9.78 -19.98 -5.86
CA ALA A 1256 -10.19 -19.30 -4.65
C ALA A 1256 -9.00 -18.78 -3.86
N LEU A 1257 -7.89 -19.54 -3.84
CA LEU A 1257 -6.72 -19.09 -3.10
C LEU A 1257 -6.08 -17.88 -3.76
N MET A 1258 -6.05 -17.85 -5.10
CA MET A 1258 -5.50 -16.69 -5.79
C MET A 1258 -6.33 -15.44 -5.54
N SER A 1259 -7.66 -15.59 -5.43
CA SER A 1259 -8.52 -14.43 -5.18
C SER A 1259 -8.38 -13.95 -3.75
N LEU A 1260 -8.23 -14.88 -2.79
CA LEU A 1260 -8.12 -14.48 -1.39
C LEU A 1260 -6.81 -13.74 -1.14
N PHE A 1261 -5.73 -14.15 -1.81
CA PHE A 1261 -4.46 -13.44 -1.64
C PHE A 1261 -4.59 -11.99 -2.09
N VAL A 1262 -5.26 -11.76 -3.22
CA VAL A 1262 -5.49 -10.40 -3.68
C VAL A 1262 -6.32 -9.63 -2.67
N LEU A 1263 -7.34 -10.27 -2.11
CA LEU A 1263 -8.13 -9.64 -1.06
C LEU A 1263 -7.26 -9.26 0.12
N SER A 1264 -6.42 -10.20 0.59
CA SER A 1264 -5.60 -9.93 1.77
C SER A 1264 -4.62 -8.79 1.51
N SER A 1265 -4.05 -8.74 0.30
CA SER A 1265 -3.14 -7.65 -0.05
C SER A 1265 -3.84 -6.30 -0.05
N LYS A 1266 -5.15 -6.22 -0.11
CA LYS A 1266 -5.93 -4.96 -0.04
C LYS A 1266 -5.64 -4.16 -1.30
N ASP A 1267 -5.39 -4.82 -2.43
CA ASP A 1267 -5.25 -4.17 -3.73
C ASP A 1267 -6.22 -4.84 -4.68
N GLY A 1268 -7.20 -4.09 -5.16
CA GLY A 1268 -8.29 -4.66 -5.93
C GLY A 1268 -9.25 -5.50 -5.12
N TRP A 1269 -9.28 -5.32 -3.79
CA TRP A 1269 -10.18 -6.10 -2.95
C TRP A 1269 -11.63 -5.65 -3.08
N VAL A 1270 -11.87 -4.41 -3.50
CA VAL A 1270 -13.25 -3.95 -3.66
C VAL A 1270 -13.92 -4.64 -4.84
N ASN A 1271 -13.22 -4.73 -5.97
CA ASN A 1271 -13.83 -5.29 -7.17
C ASN A 1271 -14.18 -6.76 -7.00
N ILE A 1272 -13.42 -7.49 -6.18
CA ILE A 1272 -13.80 -8.86 -5.88
C ILE A 1272 -15.02 -8.90 -4.98
N MET A 1273 -15.15 -7.92 -4.08
CA MET A 1273 -16.35 -7.83 -3.27
C MET A 1273 -17.57 -7.55 -4.13
N TYR A 1274 -17.44 -6.66 -5.12
CA TYR A 1274 -18.57 -6.35 -5.98
C TYR A 1274 -19.04 -7.58 -6.74
N ASP A 1275 -18.12 -8.42 -7.18
CA ASP A 1275 -18.51 -9.64 -7.88
C ASP A 1275 -19.30 -10.56 -6.96
N GLY A 1276 -18.90 -10.65 -5.70
CA GLY A 1276 -19.63 -11.48 -4.76
C GLY A 1276 -21.04 -10.99 -4.51
N LEU A 1277 -21.19 -9.67 -4.33
CA LEU A 1277 -22.52 -9.11 -4.10
C LEU A 1277 -23.42 -9.30 -5.31
N ASP A 1278 -22.88 -9.17 -6.51
CA ASP A 1278 -23.69 -9.23 -7.72
C ASP A 1278 -23.98 -10.65 -8.17
N ALA A 1279 -23.31 -11.66 -7.59
CA ALA A 1279 -23.52 -13.02 -8.03
C ALA A 1279 -24.98 -13.42 -7.86
N VAL A 1280 -25.57 -13.98 -8.92
CA VAL A 1280 -26.95 -14.43 -8.90
C VAL A 1280 -27.03 -15.96 -8.97
N GLY A 1281 -26.36 -16.55 -9.95
CA GLY A 1281 -26.39 -17.99 -10.08
C GLY A 1281 -25.67 -18.43 -11.34
N VAL A 1282 -25.72 -19.74 -11.57
CA VAL A 1282 -25.05 -20.34 -12.72
C VAL A 1282 -25.81 -19.96 -14.00
N ASP A 1283 -25.07 -19.49 -15.00
CA ASP A 1283 -25.65 -18.99 -16.24
C ASP A 1283 -26.69 -17.90 -15.99
N GLN A 1284 -26.39 -16.97 -15.08
CA GLN A 1284 -27.24 -15.84 -14.79
C GLN A 1284 -26.42 -14.56 -14.77
N GLN A 1285 -26.96 -13.50 -15.35
CA GLN A 1285 -26.27 -12.22 -15.38
C GLN A 1285 -26.26 -11.61 -13.99
N PRO A 1286 -25.10 -11.23 -13.45
CA PRO A 1286 -25.09 -10.62 -12.11
C PRO A 1286 -25.89 -9.34 -12.07
N VAL A 1287 -26.52 -9.09 -10.91
CA VAL A 1287 -27.35 -7.91 -10.68
C VAL A 1287 -26.72 -7.12 -9.55
N GLN A 1288 -26.62 -5.80 -9.74
CA GLN A 1288 -25.92 -4.95 -8.79
C GLN A 1288 -26.52 -5.10 -7.39
N ASN A 1289 -25.65 -5.30 -6.40
CA ASN A 1289 -26.06 -5.40 -5.00
C ASN A 1289 -27.20 -6.40 -4.83
N HIS A 1290 -27.06 -7.55 -5.48
CA HIS A 1290 -28.10 -8.57 -5.39
C HIS A 1290 -28.20 -9.13 -3.98
N ASN A 1291 -27.06 -9.40 -3.34
CA ASN A 1291 -27.01 -10.01 -2.01
C ASN A 1291 -26.06 -9.20 -1.12
N PRO A 1292 -26.54 -8.10 -0.54
CA PRO A 1292 -25.66 -7.30 0.33
C PRO A 1292 -25.16 -8.06 1.56
N TRP A 1293 -25.79 -9.18 1.92
CA TRP A 1293 -25.36 -9.92 3.09
C TRP A 1293 -23.96 -10.50 2.93
N MET A 1294 -23.43 -10.52 1.70
CA MET A 1294 -22.10 -11.08 1.48
C MET A 1294 -20.99 -10.14 1.94
N LEU A 1295 -21.31 -8.92 2.37
CA LEU A 1295 -20.30 -8.05 2.95
C LEU A 1295 -19.60 -8.73 4.12
N LEU A 1296 -20.30 -9.60 4.85
CA LEU A 1296 -19.71 -10.26 5.99
C LEU A 1296 -18.55 -11.17 5.58
N TYR A 1297 -18.71 -11.88 4.46
CA TYR A 1297 -17.66 -12.80 4.03
C TYR A 1297 -16.37 -12.07 3.71
N PHE A 1298 -16.46 -10.94 3.00
CA PHE A 1298 -15.26 -10.26 2.53
C PHE A 1298 -14.68 -9.35 3.61
N ILE A 1299 -15.52 -8.58 4.30
CA ILE A 1299 -15.02 -7.69 5.33
C ILE A 1299 -14.46 -8.49 6.51
N SER A 1300 -15.07 -9.63 6.82
CA SER A 1300 -14.55 -10.47 7.90
C SER A 1300 -13.15 -10.97 7.57
N PHE A 1301 -12.93 -11.40 6.32
CA PHE A 1301 -11.62 -11.92 5.94
C PHE A 1301 -10.55 -10.85 6.06
N LEU A 1302 -10.85 -9.63 5.60
CA LEU A 1302 -9.86 -8.56 5.62
C LEU A 1302 -9.53 -8.10 7.04
N LEU A 1303 -10.43 -8.30 7.99
CA LEU A 1303 -10.17 -7.93 9.37
C LEU A 1303 -9.40 -9.03 10.10
N ILE A 1304 -9.74 -10.29 9.87
CA ILE A 1304 -9.04 -11.39 10.51
C ILE A 1304 -7.60 -11.47 10.02
N VAL A 1305 -7.40 -11.37 8.71
CA VAL A 1305 -6.05 -11.46 8.15
C VAL A 1305 -5.20 -10.31 8.64
N SER A 1306 -5.75 -9.09 8.63
CA SER A 1306 -5.00 -7.94 9.13
C SER A 1306 -4.58 -8.15 10.59
N PHE A 1307 -5.39 -8.87 11.36
CA PHE A 1307 -5.03 -9.15 12.74
C PHE A 1307 -3.82 -10.09 12.81
N PHE A 1308 -3.82 -11.16 12.02
CA PHE A 1308 -2.69 -12.08 12.03
C PHE A 1308 -1.42 -11.39 11.55
N VAL A 1309 -1.53 -10.60 10.48
CA VAL A 1309 -0.36 -9.96 9.89
C VAL A 1309 0.15 -8.86 10.81
N LEU A 1310 -0.65 -8.52 11.83
CA LEU A 1310 -0.19 -7.62 12.89
C LEU A 1310 0.49 -8.35 14.03
N ASN A 1311 0.18 -9.63 14.23
CA ASN A 1311 0.91 -10.43 15.20
C ASN A 1311 2.21 -10.98 14.63
N MET A 1312 2.35 -10.98 13.29
CA MET A 1312 3.64 -11.33 12.70
C MET A 1312 4.65 -10.20 12.92
N PHE A 1313 4.22 -8.96 12.71
CA PHE A 1313 5.10 -7.82 12.97
C PHE A 1313 5.49 -7.77 14.45
N VAL A 1314 4.52 -7.96 15.33
CA VAL A 1314 4.81 -7.94 16.77
C VAL A 1314 5.71 -9.10 17.15
N GLY A 1315 5.46 -10.29 16.58
CA GLY A 1315 6.30 -11.43 16.88
C GLY A 1315 7.75 -11.20 16.52
N VAL A 1316 8.01 -10.55 15.39
CA VAL A 1316 9.37 -10.23 15.00
C VAL A 1316 9.99 -9.23 15.98
N VAL A 1317 9.23 -8.20 16.37
CA VAL A 1317 9.75 -7.17 17.24
C VAL A 1317 10.11 -7.76 18.60
N VAL A 1318 9.20 -8.55 19.17
CA VAL A 1318 9.42 -9.09 20.52
C VAL A 1318 10.66 -9.98 20.54
N GLU A 1319 10.79 -10.85 19.53
CA GLU A 1319 11.96 -11.72 19.47
C GLU A 1319 13.24 -10.90 19.32
N ASN A 1320 13.21 -9.85 18.49
CA ASN A 1320 14.37 -8.99 18.34
C ASN A 1320 14.73 -8.33 19.67
N PHE A 1321 13.72 -7.88 20.42
CA PHE A 1321 13.98 -7.28 21.72
C PHE A 1321 14.60 -8.28 22.68
N HIS A 1322 14.14 -9.54 22.62
CA HIS A 1322 14.77 -10.58 23.43
C HIS A 1322 16.22 -10.77 23.03
N LYS A 1323 16.51 -10.77 21.74
CA LYS A 1323 17.89 -10.92 21.28
C LYS A 1323 18.74 -9.73 21.68
N CYS A 1324 18.18 -8.53 21.70
CA CYS A 1324 18.95 -7.33 22.00
C CYS A 1324 19.29 -7.24 23.48
N ARG A 1325 18.33 -7.55 24.36
CA ARG A 1325 18.59 -7.46 25.79
C ARG A 1325 19.67 -8.44 26.22
N GLN A 1326 19.65 -9.66 25.68
CA GLN A 1326 20.69 -10.63 26.01
C GLN A 1326 22.06 -10.22 25.48
N HIS A 1327 22.11 -9.25 24.59
CA HIS A 1327 23.38 -8.77 24.04
C HIS A 1327 23.61 -7.31 24.43
N SER A 1367 39.65 43.57 18.91
CA SER A 1367 39.43 45.00 18.66
C SER A 1367 38.04 45.41 19.10
N PRO A 1368 37.89 46.64 19.59
CA PRO A 1368 36.54 47.09 20.00
C PRO A 1368 35.54 47.08 18.86
N THR A 1369 35.98 47.39 17.63
CA THR A 1369 35.09 47.35 16.48
C THR A 1369 34.64 45.95 16.14
N ARG A 1370 35.44 44.93 16.50
CA ARG A 1370 35.12 43.54 16.19
C ARG A 1370 34.39 42.85 17.35
N ARG A 1371 34.62 43.27 18.59
CA ARG A 1371 34.04 42.58 19.73
C ARG A 1371 32.52 42.65 19.69
N SER A 1372 31.96 43.81 19.32
CA SER A 1372 30.51 43.92 19.23
C SER A 1372 29.96 42.98 18.17
N ILE A 1373 30.64 42.87 17.03
CA ILE A 1373 30.23 41.92 16.00
C ILE A 1373 30.28 40.49 16.55
N HIS A 1374 31.34 40.16 17.27
CA HIS A 1374 31.48 38.82 17.83
C HIS A 1374 30.34 38.53 18.81
N SER A 1375 29.96 39.52 19.62
CA SER A 1375 28.85 39.32 20.55
C SER A 1375 27.56 39.04 19.79
N LEU A 1376 27.31 39.75 18.69
CA LEU A 1376 26.08 39.55 17.94
C LEU A 1376 26.03 38.14 17.35
N CYS A 1377 27.11 37.71 16.71
CA CYS A 1377 27.12 36.39 16.08
C CYS A 1377 26.93 35.29 17.12
N THR A 1378 27.62 35.39 18.25
CA THR A 1378 27.46 34.41 19.31
C THR A 1378 26.06 34.46 19.91
N SER A 1379 25.45 35.64 19.94
CA SER A 1379 24.11 35.78 20.51
C SER A 1379 23.08 35.07 19.64
N HIS A 1380 22.06 34.54 20.30
CA HIS A 1380 20.98 33.85 19.60
C HIS A 1380 20.13 34.79 18.75
N TYR A 1381 20.27 36.11 18.93
CA TYR A 1381 19.41 37.04 18.21
C TYR A 1381 19.56 36.88 16.69
N LEU A 1382 20.80 36.75 16.21
CA LEU A 1382 21.01 36.62 14.78
C LEU A 1382 20.34 35.37 14.24
N ASP A 1383 20.48 34.25 14.94
CA ASP A 1383 19.90 33.00 14.46
C ASP A 1383 18.38 33.09 14.36
N LEU A 1384 17.74 33.64 15.38
CA LEU A 1384 16.28 33.74 15.34
C LEU A 1384 15.81 34.73 14.29
N PHE A 1385 16.60 35.78 14.02
CA PHE A 1385 16.27 36.70 12.94
C PHE A 1385 16.31 35.97 11.60
N ILE A 1386 17.33 35.14 11.38
CA ILE A 1386 17.42 34.38 10.14
C ILE A 1386 16.24 33.44 10.00
N THR A 1387 15.87 32.76 11.10
CA THR A 1387 14.73 31.86 11.06
C THR A 1387 13.46 32.58 10.66
N PHE A 1388 13.34 33.86 11.02
CA PHE A 1388 12.17 34.64 10.61
C PHE A 1388 12.23 34.98 9.13
N ILE A 1389 13.42 35.36 8.63
CA ILE A 1389 13.54 35.73 7.22
C ILE A 1389 13.22 34.55 6.33
N ILE A 1390 13.80 33.38 6.65
CA ILE A 1390 13.55 32.21 5.82
C ILE A 1390 12.09 31.81 5.87
N CYS A 1391 11.47 31.86 7.04
CA CYS A 1391 10.04 31.59 7.13
C CYS A 1391 9.25 32.51 6.22
N VAL A 1392 9.70 33.76 6.06
CA VAL A 1392 9.09 34.65 5.08
C VAL A 1392 9.42 34.19 3.67
N ASN A 1393 10.67 33.81 3.43
CA ASN A 1393 11.03 33.25 2.12
C ASN A 1393 10.21 32.00 1.82
N VAL A 1394 9.96 31.18 2.83
CA VAL A 1394 9.15 29.97 2.64
C VAL A 1394 7.76 30.37 2.17
N ILE A 1395 7.20 31.42 2.76
CA ILE A 1395 5.89 31.91 2.33
C ILE A 1395 5.97 32.42 0.90
N THR A 1396 7.02 33.19 0.59
CA THR A 1396 7.14 33.80 -0.73
C THR A 1396 7.26 32.75 -1.81
N MET A 1397 8.05 31.70 -1.58
CA MET A 1397 8.22 30.66 -2.58
C MET A 1397 6.92 29.93 -2.88
N SER A 1398 5.97 29.92 -1.94
CA SER A 1398 4.69 29.28 -2.14
C SER A 1398 3.68 30.19 -2.83
N MET A 1399 4.03 31.44 -3.10
CA MET A 1399 3.17 32.35 -3.84
C MET A 1399 3.04 31.99 -5.30
N GLU A 1400 4.04 31.32 -5.87
CA GLU A 1400 4.06 31.09 -7.32
C GLU A 1400 2.98 30.10 -7.74
N HIS A 1401 2.39 30.35 -8.91
CA HIS A 1401 1.36 29.48 -9.46
C HIS A 1401 1.34 29.67 -10.97
N TYR A 1402 0.50 28.89 -11.64
CA TYR A 1402 0.44 28.94 -13.09
C TYR A 1402 -0.27 30.20 -13.56
N ASN A 1403 0.37 30.93 -14.48
CA ASN A 1403 -0.22 32.12 -15.09
C ASN A 1403 -0.47 33.20 -14.03
N GLN A 1404 0.53 33.43 -13.19
CA GLN A 1404 0.42 34.47 -12.18
C GLN A 1404 0.47 35.85 -12.84
N PRO A 1405 -0.14 36.87 -12.22
CA PRO A 1405 -0.08 38.21 -12.80
C PRO A 1405 1.35 38.74 -12.84
N LYS A 1406 1.61 39.57 -13.86
CA LYS A 1406 2.97 40.08 -14.06
C LYS A 1406 3.44 40.87 -12.84
N SER A 1407 2.53 41.57 -12.18
CA SER A 1407 2.90 42.34 -11.00
C SER A 1407 3.50 41.43 -9.92
N LEU A 1408 2.96 40.22 -9.77
CA LEU A 1408 3.50 39.29 -8.79
C LEU A 1408 4.94 38.90 -9.15
N ASP A 1409 5.21 38.68 -10.43
CA ASP A 1409 6.57 38.32 -10.83
C ASP A 1409 7.58 39.37 -10.38
N GLU A 1410 7.26 40.64 -10.59
CA GLU A 1410 8.17 41.69 -10.14
C GLU A 1410 8.27 41.72 -8.62
N ALA A 1411 7.15 41.57 -7.92
CA ALA A 1411 7.17 41.61 -6.46
C ALA A 1411 8.01 40.48 -5.89
N LEU A 1412 7.86 39.27 -6.43
CA LEU A 1412 8.65 38.14 -5.96
C LEU A 1412 10.12 38.31 -6.30
N LYS A 1413 10.43 38.89 -7.46
CA LYS A 1413 11.82 39.12 -7.81
C LYS A 1413 12.49 40.06 -6.82
N TYR A 1414 11.80 41.14 -6.43
CA TYR A 1414 12.38 42.07 -5.46
C TYR A 1414 12.55 41.40 -4.11
N CYS A 1415 11.59 40.57 -3.70
CA CYS A 1415 11.74 39.86 -2.43
C CYS A 1415 13.00 39.01 -2.42
N ASN A 1416 13.36 38.46 -3.58
CA ASN A 1416 14.59 37.68 -3.66
C ASN A 1416 15.82 38.54 -3.41
N TYR A 1417 15.82 39.77 -3.93
CA TYR A 1417 16.92 40.68 -3.69
C TYR A 1417 17.18 40.86 -2.20
N VAL A 1418 16.12 41.10 -1.42
CA VAL A 1418 16.30 41.38 0.01
C VAL A 1418 16.93 40.18 0.71
N PHE A 1419 16.47 38.98 0.39
CA PHE A 1419 17.01 37.78 1.02
C PHE A 1419 18.47 37.58 0.66
N THR A 1420 18.84 37.85 -0.60
CA THR A 1420 20.22 37.64 -1.03
C THR A 1420 21.18 38.51 -0.22
N ILE A 1421 20.89 39.81 -0.10
CA ILE A 1421 21.80 40.70 0.61
C ILE A 1421 21.80 40.39 2.10
N VAL A 1422 20.64 40.04 2.66
CA VAL A 1422 20.57 39.71 4.08
C VAL A 1422 21.47 38.51 4.38
N PHE A 1423 21.40 37.48 3.55
CA PHE A 1423 22.28 36.33 3.74
C PHE A 1423 23.74 36.72 3.57
N VAL A 1424 24.03 37.60 2.61
CA VAL A 1424 25.41 38.02 2.37
C VAL A 1424 25.97 38.74 3.60
N PHE A 1425 25.16 39.61 4.21
CA PHE A 1425 25.61 40.29 5.43
C PHE A 1425 25.90 39.28 6.53
N GLU A 1426 25.07 38.24 6.65
CA GLU A 1426 25.30 37.24 7.68
C GLU A 1426 26.66 36.58 7.51
N ALA A 1427 27.00 36.20 6.28
CA ALA A 1427 28.31 35.61 6.03
C ALA A 1427 29.42 36.60 6.33
N ALA A 1428 29.24 37.86 5.94
CA ALA A 1428 30.26 38.88 6.23
C ALA A 1428 30.47 39.04 7.72
N LEU A 1429 29.38 39.16 8.48
CA LEU A 1429 29.50 39.29 9.93
C LEU A 1429 30.09 38.04 10.55
N LYS A 1430 29.70 36.86 10.07
CA LYS A 1430 30.24 35.62 10.61
C LYS A 1430 31.74 35.53 10.36
N LEU A 1431 32.20 35.93 9.18
CA LEU A 1431 33.62 35.88 8.88
C LEU A 1431 34.42 36.77 9.83
N VAL A 1432 33.93 37.98 10.08
CA VAL A 1432 34.64 38.90 10.96
C VAL A 1432 34.69 38.36 12.38
N ALA A 1433 33.56 37.86 12.89
CA ALA A 1433 33.49 37.46 14.28
C ALA A 1433 34.44 36.30 14.59
N PHE A 1434 34.49 35.30 13.72
CA PHE A 1434 35.25 34.09 13.98
C PHE A 1434 36.59 34.03 13.27
N GLY A 1435 36.72 34.66 12.11
CA GLY A 1435 37.92 34.55 11.32
C GLY A 1435 37.79 33.53 10.20
N PHE A 1436 38.62 33.70 9.17
CA PHE A 1436 38.49 32.89 7.97
C PHE A 1436 38.68 31.41 8.28
N ARG A 1437 39.72 31.06 9.05
CA ARG A 1437 39.98 29.66 9.33
C ARG A 1437 38.96 29.10 10.32
N ARG A 1438 38.65 29.84 11.39
CA ARG A 1438 37.70 29.36 12.38
C ARG A 1438 36.30 29.23 11.77
N PHE A 1439 35.90 30.18 10.94
CA PHE A 1439 34.55 30.17 10.38
C PHE A 1439 34.34 28.92 9.52
N PHE A 1440 35.32 28.57 8.70
CA PHE A 1440 35.19 27.43 7.80
C PHE A 1440 35.15 26.09 8.52
N LYS A 1441 35.48 26.06 9.82
CA LYS A 1441 35.56 24.79 10.53
C LYS A 1441 34.18 24.12 10.62
N ASP A 1442 33.18 24.86 11.06
CA ASP A 1442 31.85 24.28 11.28
C ASP A 1442 31.20 23.94 9.95
N ARG A 1443 30.50 22.80 9.91
CA ARG A 1443 29.83 22.40 8.68
C ARG A 1443 28.64 23.30 8.37
N TRP A 1444 27.96 23.80 9.40
CA TRP A 1444 26.82 24.69 9.17
C TRP A 1444 27.26 25.95 8.43
N ASN A 1445 28.41 26.53 8.83
CA ASN A 1445 28.91 27.70 8.13
C ASN A 1445 29.25 27.37 6.68
N GLN A 1446 29.79 26.19 6.43
CA GLN A 1446 30.05 25.76 5.06
C GLN A 1446 28.75 25.71 4.26
N LEU A 1447 27.68 25.19 4.87
CA LEU A 1447 26.40 25.12 4.18
C LEU A 1447 25.90 26.51 3.83
N ASP A 1448 26.06 27.47 4.73
CA ASP A 1448 25.69 28.85 4.44
C ASP A 1448 26.46 29.38 3.23
N LEU A 1449 27.77 29.16 3.19
CA LEU A 1449 28.58 29.68 2.10
C LEU A 1449 28.13 29.10 0.76
N ALA A 1450 27.76 27.82 0.75
CA ALA A 1450 27.36 27.17 -0.51
C ALA A 1450 26.11 27.83 -1.09
N ILE A 1451 25.08 28.02 -0.26
CA ILE A 1451 23.83 28.58 -0.76
C ILE A 1451 24.01 30.05 -1.12
N VAL A 1452 24.74 30.80 -0.31
CA VAL A 1452 24.99 32.21 -0.64
C VAL A 1452 25.76 32.32 -1.94
N LEU A 1453 26.81 31.52 -2.09
CA LEU A 1453 27.49 31.44 -3.37
C LEU A 1453 26.55 30.95 -4.46
N LEU A 1454 25.77 29.90 -4.16
CA LEU A 1454 24.80 29.39 -5.13
C LEU A 1454 23.75 30.44 -5.44
N SER A 1455 23.27 31.15 -4.42
CA SER A 1455 22.22 32.14 -4.64
C SER A 1455 22.69 33.25 -5.55
N LEU A 1456 23.94 33.69 -5.40
CA LEU A 1456 24.48 34.72 -6.27
C LEU A 1456 24.49 34.27 -7.72
N MET A 1457 24.89 33.02 -7.97
CA MET A 1457 24.91 32.50 -9.33
C MET A 1457 23.52 32.51 -9.95
N GLY A 1458 22.51 32.13 -9.16
CA GLY A 1458 21.15 32.08 -9.69
C GLY A 1458 20.66 33.45 -10.10
N ILE A 1459 20.90 34.46 -9.28
CA ILE A 1459 20.41 35.80 -9.60
C ILE A 1459 21.20 36.39 -10.76
N THR A 1460 22.51 36.13 -10.81
CA THR A 1460 23.34 36.67 -11.88
C THR A 1460 22.81 36.26 -13.24
N LEU A 1461 22.47 34.98 -13.40
CA LEU A 1461 21.96 34.51 -14.68
C LEU A 1461 20.60 35.11 -15.01
N GLU A 1462 19.78 35.38 -13.99
CA GLU A 1462 18.48 35.97 -14.24
C GLU A 1462 18.61 37.35 -14.88
N GLU A 1463 19.53 38.17 -14.39
CA GLU A 1463 19.71 39.51 -14.95
C GLU A 1463 20.25 39.44 -16.37
N ILE A 1464 21.18 38.51 -16.64
CA ILE A 1464 21.67 38.33 -18.01
C ILE A 1464 20.53 37.92 -18.92
N GLU A 1465 19.66 37.03 -18.45
CA GLU A 1465 18.47 36.67 -19.23
C GLU A 1465 17.63 37.91 -19.54
N MET A 1466 17.49 38.79 -18.56
CA MET A 1466 16.82 40.07 -18.81
C MET A 1466 17.60 40.89 -19.82
N SER A 1467 18.93 40.91 -19.69
CA SER A 1467 19.76 41.70 -20.59
C SER A 1467 19.57 41.25 -22.04
N ALA A 1468 20.11 42.06 -22.95
CA ALA A 1468 19.93 41.78 -24.38
C ALA A 1468 20.54 40.43 -24.75
N ALA A 1469 21.75 40.15 -24.26
CA ALA A 1469 22.39 38.88 -24.55
C ALA A 1469 21.57 37.72 -23.98
N LEU A 1470 21.36 36.70 -24.79
CA LEU A 1470 20.61 35.50 -24.37
C LEU A 1470 21.39 34.25 -24.75
N PRO A 1471 22.59 34.08 -24.19
CA PRO A 1471 23.32 32.81 -24.38
C PRO A 1471 22.94 31.73 -23.38
N ILE A 1472 22.11 32.05 -22.39
CA ILE A 1472 21.79 31.11 -21.32
C ILE A 1472 20.67 30.20 -21.77
N ASN A 1473 20.93 28.90 -21.81
CA ASN A 1473 19.89 27.93 -22.12
C ASN A 1473 18.81 28.01 -21.03
N PRO A 1474 17.52 28.03 -21.40
CA PRO A 1474 16.49 28.22 -20.37
C PRO A 1474 16.40 27.08 -19.37
N THR A 1475 16.92 25.90 -19.67
CA THR A 1475 16.95 24.83 -18.67
C THR A 1475 17.82 25.22 -17.49
N ILE A 1476 18.92 25.94 -17.74
CA ILE A 1476 19.80 26.36 -16.67
C ILE A 1476 19.08 27.29 -15.71
N ILE A 1477 18.31 28.24 -16.25
CA ILE A 1477 17.59 29.19 -15.41
C ILE A 1477 16.55 28.47 -14.55
N ARG A 1478 15.86 27.49 -15.15
CA ARG A 1478 14.85 26.75 -14.39
C ARG A 1478 15.49 25.92 -13.29
N ILE A 1479 16.61 25.26 -13.58
CA ILE A 1479 17.26 24.42 -12.58
C ILE A 1479 17.74 25.27 -11.41
N MET A 1480 18.27 26.46 -11.71
CA MET A 1480 18.74 27.34 -10.64
C MET A 1480 17.58 27.77 -9.75
N ARG A 1481 16.43 28.09 -10.36
CA ARG A 1481 15.27 28.52 -9.57
C ARG A 1481 14.77 27.38 -8.68
N VAL A 1482 14.73 26.16 -9.21
CA VAL A 1482 14.29 25.01 -8.42
C VAL A 1482 15.25 24.78 -7.26
N LEU A 1483 16.55 24.88 -7.52
CA LEU A 1483 17.56 24.54 -6.52
C LEU A 1483 17.69 25.61 -5.43
N ARG A 1484 17.04 26.76 -5.59
CA ARG A 1484 17.08 27.78 -4.54
C ARG A 1484 16.23 27.42 -3.34
N ILE A 1485 15.62 26.22 -3.33
CA ILE A 1485 14.88 25.75 -2.16
C ILE A 1485 15.82 25.26 -1.07
N ALA A 1486 17.11 25.20 -1.33
CA ALA A 1486 18.07 24.75 -0.32
C ALA A 1486 18.12 25.69 0.88
N ARG A 1487 17.56 26.89 0.78
CA ARG A 1487 17.51 27.80 1.92
C ARG A 1487 16.73 27.19 3.08
N VAL A 1488 15.76 26.32 2.80
CA VAL A 1488 14.99 25.70 3.88
C VAL A 1488 15.88 24.85 4.77
N LEU A 1489 16.99 24.35 4.23
CA LEU A 1489 17.88 23.50 5.02
C LEU A 1489 18.46 24.23 6.22
N LYS A 1490 18.45 25.56 6.21
CA LYS A 1490 18.91 26.31 7.38
C LYS A 1490 18.07 25.98 8.62
N LEU A 1491 16.75 25.93 8.44
CA LEU A 1491 15.87 25.66 9.58
C LEU A 1491 16.21 24.33 10.24
N LEU A 1492 16.80 23.39 9.50
CA LEU A 1492 17.17 22.11 10.08
C LEU A 1492 18.09 22.29 11.27
N LYS A 1493 18.92 23.33 11.26
CA LYS A 1493 19.80 23.60 12.40
C LYS A 1493 19.00 23.90 13.65
N MET A 1494 17.93 24.70 13.53
CA MET A 1494 17.15 25.07 14.70
C MET A 1494 16.40 23.88 15.29
N ALA A 1495 15.86 23.02 14.43
CA ALA A 1495 15.02 21.91 14.87
C ALA A 1495 15.91 20.83 15.48
N THR A 1496 16.24 21.03 16.76
CA THR A 1496 17.05 20.03 17.47
C THR A 1496 16.29 18.73 17.63
N GLY A 1497 14.99 18.81 17.90
CA GLY A 1497 14.20 17.59 18.07
C GLY A 1497 14.16 16.76 16.81
N MET A 1498 13.93 17.40 15.66
CA MET A 1498 13.88 16.66 14.41
C MET A 1498 15.24 16.03 14.08
N ARG A 1499 16.32 16.77 14.34
CA ARG A 1499 17.65 16.23 14.04
C ARG A 1499 17.93 14.97 14.85
N ALA A 1500 17.55 14.98 16.13
CA ALA A 1500 17.75 13.79 16.95
C ALA A 1500 16.95 12.61 16.40
N LEU A 1501 15.75 12.86 15.91
CA LEU A 1501 14.96 11.80 15.30
C LEU A 1501 15.66 11.24 14.07
N LEU A 1502 16.21 12.11 13.23
CA LEU A 1502 16.96 11.64 12.07
C LEU A 1502 18.22 10.90 12.49
N ASP A 1503 18.84 11.31 13.60
CA ASP A 1503 20.03 10.62 14.09
C ASP A 1503 19.72 9.17 14.43
N THR A 1504 18.48 8.87 14.81
CA THR A 1504 18.12 7.48 15.11
C THR A 1504 18.26 6.60 13.87
N VAL A 1505 17.82 7.10 12.71
CA VAL A 1505 17.98 6.35 11.48
C VAL A 1505 19.45 6.18 11.13
N VAL A 1506 20.24 7.24 11.29
CA VAL A 1506 21.66 7.17 10.96
C VAL A 1506 22.35 6.10 11.79
N GLN A 1507 22.06 6.04 13.08
CA GLN A 1507 22.66 5.03 13.94
C GLN A 1507 22.26 3.62 13.51
N ALA A 1508 21.14 3.48 12.81
CA ALA A 1508 20.65 2.19 12.37
C ALA A 1508 21.07 1.84 10.93
N LEU A 1509 21.84 2.71 10.28
CA LEU A 1509 22.21 2.45 8.89
C LEU A 1509 23.00 1.15 8.70
N PRO A 1510 23.99 0.81 9.53
CA PRO A 1510 24.73 -0.43 9.27
C PRO A 1510 23.85 -1.67 9.16
N GLN A 1511 22.77 -1.74 9.95
CA GLN A 1511 21.84 -2.85 9.86
C GLN A 1511 20.87 -2.67 8.68
N VAL A 1512 20.54 -1.42 8.34
CA VAL A 1512 19.56 -1.13 7.30
C VAL A 1512 20.25 -1.07 5.94
N GLY A 1513 21.56 -0.82 5.96
CA GLY A 1513 22.29 -0.78 4.71
C GLY A 1513 22.33 -2.13 4.01
N ASN A 1514 22.58 -3.20 4.77
CA ASN A 1514 22.62 -4.53 4.17
C ASN A 1514 21.25 -4.97 3.72
N LEU A 1515 20.20 -4.65 4.49
CA LEU A 1515 18.85 -4.98 4.06
C LEU A 1515 18.48 -4.28 2.77
N GLY A 1516 19.06 -3.13 2.49
CA GLY A 1516 18.87 -2.50 1.19
C GLY A 1516 19.62 -3.22 0.08
N LEU A 1517 20.79 -3.78 0.39
CA LEU A 1517 21.50 -4.59 -0.60
C LEU A 1517 20.70 -5.84 -0.94
N LEU A 1518 20.11 -6.49 0.06
CA LEU A 1518 19.29 -7.66 -0.20
C LEU A 1518 18.03 -7.30 -0.97
N PHE A 1519 17.51 -6.08 -0.76
CA PHE A 1519 16.37 -5.63 -1.53
C PHE A 1519 16.72 -5.48 -3.01
N MET A 1520 17.90 -4.95 -3.30
CA MET A 1520 18.30 -4.78 -4.69
C MET A 1520 18.67 -6.10 -5.34
N LEU A 1521 19.29 -7.01 -4.58
CA LEU A 1521 19.57 -8.34 -5.11
C LEU A 1521 18.29 -9.08 -5.46
N LEU A 1522 17.27 -8.98 -4.59
CA LEU A 1522 15.99 -9.57 -4.88
C LEU A 1522 15.36 -8.95 -6.12
N PHE A 1523 15.48 -7.63 -6.26
CA PHE A 1523 14.96 -6.97 -7.45
C PHE A 1523 15.66 -7.45 -8.71
N PHE A 1524 16.98 -7.63 -8.65
CA PHE A 1524 17.73 -8.04 -9.83
C PHE A 1524 17.30 -9.42 -10.31
N ILE A 1525 17.13 -10.36 -9.38
CA ILE A 1525 16.75 -11.72 -9.77
C ILE A 1525 15.38 -11.73 -10.43
N TYR A 1526 14.42 -11.02 -9.84
CA TYR A 1526 13.05 -11.03 -10.36
C TYR A 1526 12.91 -10.15 -11.60
N ALA A 1527 13.64 -9.03 -11.66
CA ALA A 1527 13.58 -8.19 -12.85
C ALA A 1527 14.10 -8.93 -14.07
N ALA A 1528 15.19 -9.69 -13.92
CA ALA A 1528 15.69 -10.50 -15.02
C ALA A 1528 14.81 -11.70 -15.30
N LEU A 1529 14.15 -12.23 -14.28
CA LEU A 1529 13.25 -13.37 -14.47
C LEU A 1529 11.96 -12.94 -15.16
N GLY A 1530 11.44 -11.76 -14.81
CA GLY A 1530 10.21 -11.30 -15.43
C GLY A 1530 10.35 -11.08 -16.93
N VAL A 1531 11.51 -10.54 -17.35
CA VAL A 1531 11.74 -10.31 -18.77
C VAL A 1531 11.64 -11.62 -19.54
N GLU A 1532 12.17 -12.70 -18.97
CA GLU A 1532 12.09 -14.00 -19.61
C GLU A 1532 10.64 -14.46 -19.72
N LEU A 1533 9.85 -14.23 -18.66
CA LEU A 1533 8.48 -14.74 -18.64
C LEU A 1533 7.54 -13.83 -19.43
N PHE A 1534 7.40 -12.57 -19.01
CA PHE A 1534 6.44 -11.64 -19.59
C PHE A 1534 7.09 -10.69 -20.59
N GLY A 1535 8.17 -11.11 -21.23
CA GLY A 1535 8.87 -10.21 -22.14
C GLY A 1535 8.06 -9.88 -23.38
N ARG A 1536 7.32 -10.84 -23.91
CA ARG A 1536 6.66 -10.71 -25.21
C ARG A 1536 5.18 -10.37 -25.11
N LEU A 1537 4.63 -10.20 -23.91
CA LEU A 1537 3.23 -9.81 -23.79
C LEU A 1537 3.01 -8.45 -24.46
N GLU A 1538 1.89 -8.32 -25.18
CA GLU A 1538 1.58 -7.13 -25.94
C GLU A 1538 0.21 -6.61 -25.57
N CYS A 1539 0.04 -5.30 -25.77
CA CYS A 1539 -1.23 -4.63 -25.54
C CYS A 1539 -1.76 -4.08 -26.86
N SER A 1540 -3.00 -4.43 -27.19
CA SER A 1540 -3.62 -3.96 -28.41
C SER A 1540 -5.13 -3.94 -28.21
N GLU A 1541 -5.82 -3.17 -29.07
CA GLU A 1541 -7.27 -3.07 -28.96
C GLU A 1541 -7.92 -4.43 -29.11
N ASP A 1542 -7.30 -5.35 -29.85
CA ASP A 1542 -7.83 -6.70 -29.96
C ASP A 1542 -7.60 -7.51 -28.69
N ASN A 1543 -6.50 -7.24 -27.98
CA ASN A 1543 -6.15 -7.94 -26.74
C ASN A 1543 -5.77 -6.91 -25.69
N PRO A 1544 -6.75 -6.15 -25.18
CA PRO A 1544 -6.42 -5.07 -24.25
C PRO A 1544 -5.87 -5.60 -22.93
N CYS A 1545 -5.03 -4.79 -22.31
CA CYS A 1545 -4.39 -5.11 -21.04
C CYS A 1545 -4.85 -4.11 -19.99
N GLU A 1546 -5.06 -4.59 -18.76
CA GLU A 1546 -5.63 -3.77 -17.70
C GLU A 1546 -4.57 -3.12 -16.82
N GLY A 1547 -3.40 -3.74 -16.68
CA GLY A 1547 -2.36 -3.21 -15.80
C GLY A 1547 -1.11 -2.75 -16.54
N LEU A 1548 -0.80 -3.42 -17.65
CA LEU A 1548 0.35 -3.03 -18.44
C LEU A 1548 0.00 -1.89 -19.38
N SER A 1549 1.01 -1.14 -19.78
CA SER A 1549 0.83 0.01 -20.65
C SER A 1549 2.20 0.36 -21.26
N ARG A 1550 2.28 1.53 -21.91
CA ARG A 1550 3.54 1.96 -22.48
C ARG A 1550 4.59 2.21 -21.41
N HIS A 1551 4.18 2.39 -20.16
CA HIS A 1551 5.10 2.70 -19.07
C HIS A 1551 5.44 1.49 -18.21
N ALA A 1552 4.56 0.50 -18.14
CA ALA A 1552 4.76 -0.68 -17.31
C ALA A 1552 4.87 -1.91 -18.23
N THR A 1553 6.10 -2.27 -18.57
CA THR A 1553 6.36 -3.42 -19.42
C THR A 1553 7.58 -4.17 -18.91
N PHE A 1554 7.65 -5.46 -19.26
CA PHE A 1554 8.81 -6.29 -19.00
C PHE A 1554 9.66 -6.50 -20.25
N SER A 1555 9.64 -5.53 -21.16
CA SER A 1555 10.34 -5.71 -22.44
C SER A 1555 11.83 -5.90 -22.24
N ASN A 1556 12.44 -5.11 -21.36
CA ASN A 1556 13.87 -5.20 -21.09
C ASN A 1556 14.09 -5.16 -19.59
N PHE A 1557 15.35 -5.32 -19.18
CA PHE A 1557 15.68 -5.31 -17.76
C PHE A 1557 15.38 -3.95 -17.14
N GLY A 1558 15.66 -2.87 -17.86
CA GLY A 1558 15.43 -1.55 -17.33
C GLY A 1558 13.97 -1.31 -16.98
N MET A 1559 13.06 -1.71 -17.86
CA MET A 1559 11.64 -1.50 -17.61
C MET A 1559 11.10 -2.48 -16.58
N ALA A 1560 11.57 -3.73 -16.62
CA ALA A 1560 11.14 -4.69 -15.60
C ALA A 1560 11.55 -4.24 -14.21
N PHE A 1561 12.69 -3.58 -14.09
CA PHE A 1561 13.12 -3.06 -12.78
C PHE A 1561 12.16 -2.00 -12.27
N LEU A 1562 11.70 -1.11 -13.15
CA LEU A 1562 10.79 -0.05 -12.73
C LEU A 1562 9.40 -0.60 -12.43
N THR A 1563 8.95 -1.58 -13.21
CA THR A 1563 7.64 -2.18 -12.96
C THR A 1563 7.60 -2.87 -11.61
N LEU A 1564 8.69 -3.57 -11.25
CA LEU A 1564 8.71 -4.26 -9.96
C LEU A 1564 8.66 -3.28 -8.80
N PHE A 1565 9.23 -2.09 -8.96
CA PHE A 1565 9.11 -1.08 -7.91
C PHE A 1565 7.66 -0.71 -7.69
N ARG A 1566 6.88 -0.58 -8.76
CA ARG A 1566 5.45 -0.33 -8.62
C ARG A 1566 4.76 -1.50 -7.92
N VAL A 1567 5.17 -2.73 -8.25
CA VAL A 1567 4.56 -3.91 -7.64
C VAL A 1567 4.86 -3.95 -6.14
N SER A 1568 6.09 -3.61 -5.75
CA SER A 1568 6.45 -3.63 -4.34
C SER A 1568 5.60 -2.65 -3.54
N THR A 1569 5.37 -1.45 -4.08
CA THR A 1569 4.48 -0.50 -3.43
C THR A 1569 3.03 -0.98 -3.44
N GLY A 1570 2.71 -2.00 -4.23
CA GLY A 1570 1.37 -2.53 -4.27
C GLY A 1570 0.34 -1.61 -4.91
N ASP A 1571 0.72 -0.90 -5.97
CA ASP A 1571 -0.19 -0.02 -6.70
C ASP A 1571 -0.65 -0.73 -7.96
N ASN A 1572 -1.89 -1.19 -7.96
CA ASN A 1572 -2.49 -1.88 -9.11
C ASN A 1572 -1.61 -3.04 -9.57
N TRP A 1573 -0.99 -3.72 -8.61
CA TRP A 1573 -0.21 -4.91 -8.95
C TRP A 1573 -1.09 -6.08 -9.34
N ASN A 1574 -2.36 -6.09 -8.93
CA ASN A 1574 -3.27 -7.14 -9.37
C ASN A 1574 -3.66 -6.96 -10.83
N GLY A 1575 -3.71 -5.72 -11.31
CA GLY A 1575 -3.98 -5.50 -12.72
C GLY A 1575 -2.89 -6.09 -13.61
N ILE A 1576 -1.63 -5.97 -13.18
CA ILE A 1576 -0.53 -6.52 -13.96
C ILE A 1576 -0.65 -8.04 -14.05
N MET A 1577 -0.98 -8.70 -12.94
CA MET A 1577 -1.12 -10.15 -12.97
C MET A 1577 -2.24 -10.57 -13.91
N LYS A 1578 -3.34 -9.82 -13.93
CA LYS A 1578 -4.44 -10.13 -14.84
C LYS A 1578 -3.94 -10.23 -16.27
N ASP A 1579 -3.06 -9.31 -16.68
CA ASP A 1579 -2.58 -9.29 -18.06
C ASP A 1579 -1.77 -10.52 -18.41
N THR A 1580 -1.18 -11.18 -17.42
CA THR A 1580 -0.43 -12.41 -17.67
C THR A 1580 -1.31 -13.65 -17.66
N LEU A 1581 -2.47 -13.60 -16.99
CA LEU A 1581 -3.38 -14.73 -16.94
C LEU A 1581 -4.25 -14.84 -18.18
N ARG A 1582 -4.32 -13.81 -19.02
CA ARG A 1582 -5.21 -13.84 -20.17
C ARG A 1582 -4.58 -14.64 -21.30
N GLU A 1583 -5.40 -15.46 -21.95
CA GLU A 1583 -4.93 -16.36 -22.99
C GLU A 1583 -4.37 -15.56 -24.16
N CYS A 1584 -3.32 -16.09 -24.78
CA CYS A 1584 -2.76 -15.46 -25.97
C CYS A 1584 -3.60 -15.75 -27.19
N SER A 1585 -3.39 -14.92 -28.21
CA SER A 1585 -4.14 -15.05 -29.44
C SER A 1585 -3.77 -16.34 -30.15
N ARG A 1586 -4.73 -16.89 -30.89
CA ARG A 1586 -4.46 -18.11 -31.64
C ARG A 1586 -3.35 -17.90 -32.65
N GLU A 1587 -3.38 -16.77 -33.36
CA GLU A 1587 -2.39 -16.52 -34.41
C GLU A 1587 -1.00 -16.31 -33.82
N ASP A 1588 -0.92 -15.63 -32.68
CA ASP A 1588 0.39 -15.26 -32.12
C ASP A 1588 1.19 -16.52 -31.76
N LYS A 1589 2.50 -16.40 -31.88
CA LYS A 1589 3.43 -17.51 -31.65
C LYS A 1589 4.21 -17.27 -30.35
N HIS A 1590 5.12 -18.20 -30.07
CA HIS A 1590 6.00 -18.17 -28.91
C HIS A 1590 5.27 -17.70 -27.65
N CYS A 1591 4.15 -18.36 -27.38
CA CYS A 1591 3.37 -18.12 -26.16
C CYS A 1591 3.45 -19.35 -25.27
N LEU A 1592 3.84 -19.13 -24.02
CA LEU A 1592 4.09 -20.23 -23.08
C LEU A 1592 2.75 -20.78 -22.58
N SER A 1593 2.55 -22.08 -22.78
CA SER A 1593 1.26 -22.69 -22.48
C SER A 1593 0.93 -22.62 -21.00
N TYR A 1594 1.92 -22.79 -20.14
CA TYR A 1594 1.70 -22.86 -18.70
C TYR A 1594 2.01 -21.54 -17.99
N LEU A 1595 2.04 -20.43 -18.73
CA LEU A 1595 2.30 -19.14 -18.09
C LEU A 1595 1.28 -18.81 -17.01
N PRO A 1596 -0.02 -19.04 -17.20
CA PRO A 1596 -0.98 -18.71 -16.13
C PRO A 1596 -0.71 -19.42 -14.82
N ALA A 1597 0.09 -20.49 -14.83
CA ALA A 1597 0.43 -21.20 -13.60
C ALA A 1597 1.66 -20.62 -12.92
N LEU A 1598 2.63 -20.11 -13.69
CA LEU A 1598 3.83 -19.52 -13.10
C LEU A 1598 3.60 -18.09 -12.63
N SER A 1599 2.66 -17.37 -13.26
CA SER A 1599 2.45 -15.97 -12.88
C SER A 1599 2.02 -15.83 -11.42
N PRO A 1600 1.05 -16.59 -10.91
CA PRO A 1600 0.71 -16.44 -9.49
C PRO A 1600 1.89 -16.70 -8.56
N VAL A 1601 2.75 -17.65 -8.91
CA VAL A 1601 3.92 -17.91 -8.09
C VAL A 1601 4.90 -16.75 -8.17
N TYR A 1602 5.03 -16.14 -9.35
CA TYR A 1602 5.96 -15.03 -9.52
C TYR A 1602 5.55 -13.84 -8.68
N PHE A 1603 4.26 -13.52 -8.66
CA PHE A 1603 3.81 -12.30 -7.98
C PHE A 1603 3.59 -12.53 -6.48
N VAL A 1604 3.19 -13.73 -6.07
CA VAL A 1604 2.99 -14.00 -4.65
C VAL A 1604 4.32 -13.98 -3.92
N THR A 1605 5.32 -14.70 -4.45
CA THR A 1605 6.60 -14.80 -3.76
C THR A 1605 7.31 -13.45 -3.69
N PHE A 1606 7.25 -12.67 -4.77
CA PHE A 1606 7.87 -11.35 -4.75
C PHE A 1606 7.20 -10.45 -3.72
N VAL A 1607 5.87 -10.51 -3.63
CA VAL A 1607 5.14 -9.62 -2.73
C VAL A 1607 5.45 -9.97 -1.28
N LEU A 1608 5.48 -11.27 -0.95
CA LEU A 1608 5.75 -11.66 0.43
C LEU A 1608 7.21 -11.46 0.79
N VAL A 1609 8.12 -11.81 -0.11
CA VAL A 1609 9.54 -11.63 0.17
C VAL A 1609 9.88 -10.15 0.26
N ALA A 1610 9.32 -9.33 -0.64
CA ALA A 1610 9.60 -7.90 -0.61
C ALA A 1610 9.08 -7.26 0.67
N GLN A 1611 7.88 -7.66 1.11
CA GLN A 1611 7.29 -7.04 2.30
C GLN A 1611 7.98 -7.49 3.58
N PHE A 1612 8.47 -8.74 3.63
CA PHE A 1612 9.19 -9.19 4.81
C PHE A 1612 10.47 -8.39 5.02
N VAL A 1613 11.18 -8.09 3.94
CA VAL A 1613 12.40 -7.30 4.06
C VAL A 1613 12.09 -5.90 4.58
N LEU A 1614 11.05 -5.27 4.05
CA LEU A 1614 10.71 -3.92 4.47
C LEU A 1614 10.26 -3.90 5.93
N VAL A 1615 9.59 -4.96 6.38
CA VAL A 1615 9.21 -5.03 7.80
C VAL A 1615 10.45 -5.06 8.68
N ASN A 1616 11.46 -5.84 8.28
CA ASN A 1616 12.67 -5.93 9.08
C ASN A 1616 13.43 -4.61 9.12
N VAL A 1617 13.38 -3.84 8.03
CA VAL A 1617 14.01 -2.51 8.05
C VAL A 1617 13.32 -1.63 9.07
N VAL A 1618 12.00 -1.75 9.20
CA VAL A 1618 11.26 -0.99 10.18
C VAL A 1618 11.57 -1.45 11.60
N VAL A 1619 11.71 -2.76 11.80
CA VAL A 1619 12.06 -3.28 13.13
C VAL A 1619 13.46 -2.85 13.52
N ALA A 1620 14.38 -2.80 12.55
CA ALA A 1620 15.75 -2.39 12.85
C ALA A 1620 15.80 -0.97 13.40
N VAL A 1621 15.05 -0.06 12.78
CA VAL A 1621 15.00 1.31 13.27
C VAL A 1621 14.30 1.38 14.62
N LEU A 1622 13.26 0.58 14.81
CA LEU A 1622 12.52 0.61 16.06
C LEU A 1622 13.41 0.24 17.24
N MET A 1623 14.22 -0.81 17.09
CA MET A 1623 15.09 -1.24 18.18
C MET A 1623 16.11 -0.17 18.53
N LYS A 1624 16.71 0.45 17.52
CA LYS A 1624 17.70 1.49 17.80
C LYS A 1624 17.07 2.66 18.55
N HIS A 1625 15.81 2.98 18.24
CA HIS A 1625 15.11 4.01 18.98
C HIS A 1625 14.91 3.62 20.44
N LEU A 1626 14.50 2.38 20.69
CA LEU A 1626 14.25 1.95 22.06
C LEU A 1626 15.53 1.96 22.88
N GLU A 1627 16.63 1.43 22.32
CA GLU A 1627 17.88 1.34 23.07
C GLU A 1627 18.57 2.69 23.25
N GLU A 1628 18.11 3.73 22.56
CA GLU A 1628 18.63 5.07 22.74
C GLU A 1628 17.86 5.86 23.77
N SER A 1629 16.74 5.33 24.24
CA SER A 1629 15.92 6.01 25.25
C SER A 1629 15.43 5.01 26.29
C10 A1AHI B . 1.86 -2.72 8.15
C13 A1AHI B . 2.96 -0.82 9.35
C15 A1AHI B . 0.60 1.56 7.22
C17 A1AHI B . -0.87 1.76 7.52
C20 A1AHI B . 2.44 -3.74 10.35
C21 A1AHI B . 3.06 -4.86 8.25
C22 A1AHI B . -4.97 0.11 6.64
C24 A1AHI B . -6.54 -1.71 7.34
C26 A1AHI B . -7.75 -0.07 9.14
C28 A1AHI B . -8.19 -1.36 9.01
C08 A1AHI B . 2.21 -1.25 8.10
C09 A1AHI B . 0.90 -0.47 8.05
C11 A1AHI B . 2.93 -3.50 8.92
C12 A1AHI B . -1.71 0.80 6.69
C14 A1AHI B . 0.37 -0.24 5.92
C16 A1AHI B . -0.93 0.41 5.47
C18 A1AHI B . 4.22 -1.64 9.56
C19 A1AHI B . -2.96 1.51 6.26
C23 A1AHI B . -6.10 -0.42 7.48
C25 A1AHI B . -6.71 0.40 8.39
C27 A1AHI B . -7.57 -2.17 8.10
F03 A1AHI B . -2.06 -0.31 7.36
N06 A1AHI B . 0.89 0.30 7.00
N07 A1AHI B . -4.00 1.04 7.13
O04 A1AHI B . 4.17 -2.85 8.85
O05 A1AHI B . -4.88 -0.24 5.54
CL1 A1AHI B . -8.50 0.99 10.31
CL2 A1AHI B . -8.14 -3.83 7.94
C1 NAG C . 1.13 21.96 -39.26
C2 NAG C . 0.12 22.81 -40.03
C3 NAG C . 0.78 24.10 -40.49
C4 NAG C . 1.36 24.83 -39.29
C5 NAG C . 2.27 23.92 -38.48
C6 NAG C . 2.71 24.59 -37.18
C7 NAG C . -1.64 21.56 -41.15
C8 NAG C . -2.03 20.74 -42.35
N2 NAG C . -0.40 22.05 -41.16
O3 NAG C . -0.20 24.93 -41.15
O4 NAG C . 2.09 25.98 -39.75
O5 NAG C . 1.61 22.69 -38.13
O6 NAG C . 1.56 24.90 -36.38
O7 NAG C . -2.40 21.73 -40.22
C1 NAG D . -36.49 -6.80 -24.47
C2 NAG D . -36.97 -5.62 -25.31
C3 NAG D . -38.18 -5.99 -26.15
C4 NAG D . -37.91 -7.26 -26.94
C5 NAG D . -37.45 -8.37 -26.00
C6 NAG D . -37.11 -9.65 -26.75
C7 NAG D . -36.46 -3.44 -24.33
C8 NAG D . -36.88 -2.39 -23.34
N2 NAG D . -37.28 -4.50 -24.44
O3 NAG D . -38.49 -4.92 -27.05
O4 NAG D . -39.10 -7.65 -27.63
O5 NAG D . -36.30 -7.96 -25.27
O6 NAG D . -35.93 -9.45 -27.53
O7 NAG D . -35.43 -3.35 -24.97
CA CA E . -4.67 0.00 -5.47
C1 LPE F . 15.99 2.37 -17.72
O1 LPE F . 15.33 3.11 -16.69
C2 LPE F . 15.67 2.97 -19.07
O2H LPE F . 16.81 2.77 -19.91
C3 LPE F . 14.44 2.40 -19.73
C11 LPE F . 14.17 2.53 -16.11
C12 LPE F . 14.25 2.74 -14.63
O3 LPE F . 14.80 1.90 -21.05
P LPE F . 13.77 2.07 -22.26
O31 LPE F . 14.30 1.29 -23.45
O32 LPE F . 12.37 1.79 -21.76
O33 LPE F . 13.87 3.62 -22.63
C31 LPE F . 15.18 4.20 -22.93
C32 LPE F . 15.06 5.57 -23.54
N LPE F . 14.43 6.66 -22.69
C1N LPE F . 14.53 7.96 -23.39
C2N LPE F . 12.99 6.36 -22.47
C3N LPE F . 15.11 6.75 -21.37
C13 LPE F . 15.63 2.48 -14.07
C14 LPE F . 15.74 2.71 -12.59
C15 LPE F . 14.70 2.00 -11.77
C16 LPE F . 14.99 1.98 -10.29
C17 LPE F . 13.83 1.52 -9.43
C18 LPE F . 14.20 1.21 -8.00
C19 LPE F . 14.95 2.31 -7.29
C20 LPE F . 15.41 1.94 -5.91
C21 LPE F . 14.30 1.59 -4.95
CAA Y01 G . 22.04 -4.25 -13.01
CBA Y01 G . 23.54 -4.48 -13.21
CAB Y01 G . 24.32 -3.87 -12.06
CAN Y01 G . 24.01 -3.92 -14.55
CAJ Y01 G . 23.64 -2.49 -14.85
CAO Y01 G . 22.32 -2.33 -15.59
CBB Y01 G . 22.45 -2.25 -17.12
CAC Y01 G . 23.01 -3.54 -17.69
CBE Y01 G . 21.10 -1.84 -17.75
CAP Y01 G . 20.56 -0.51 -17.16
CAQ Y01 G . 20.10 0.36 -18.35
CBG Y01 G . 19.83 -0.68 -19.43
CBI Y01 G . 21.01 -1.66 -19.31
CAE Y01 G . 22.32 -1.05 -19.84
CAU Y01 G . 20.60 -2.88 -20.13
CAS Y01 G . 20.31 -2.52 -21.59
CBF Y01 G . 19.27 -1.41 -21.77
CBD Y01 G . 19.57 -0.20 -20.85
CAK Y01 G . 18.41 0.79 -20.87
CAI Y01 G . 17.88 1.02 -22.25
CAZ Y01 G . 18.14 0.24 -23.30
CAV Y01 G . 17.49 0.49 -24.64
CBH Y01 G . 19.07 -0.97 -23.25
CAD Y01 G . 20.40 -0.58 -23.91
CAT Y01 G . 18.38 -2.08 -24.07
CAR Y01 G . 16.87 -1.89 -24.25
CBC Y01 G . 16.53 -0.62 -24.99
OAW Y01 G . 16.62 -0.78 -26.44
CAY Y01 G . 15.65 -1.46 -27.06
OAG Y01 G . 14.93 -2.24 -26.51
CAM Y01 G . 15.54 -1.06 -28.50
CAL Y01 G . 15.12 0.38 -28.72
CAX Y01 G . 14.97 0.80 -30.17
OAH Y01 G . 14.62 1.96 -30.42
OAF Y01 G . 15.21 -0.05 -31.06
P22 JL3 H . -12.59 26.22 -5.78
C01 JL3 H . 1.62 20.88 4.94
C02 JL3 H . 0.64 20.09 4.07
C03 JL3 H . 0.26 18.75 4.66
C04 JL3 H . -1.17 18.32 4.32
C05 JL3 H . -1.48 18.35 2.82
C06 JL3 H . -2.67 17.47 2.46
C07 JL3 H . -3.46 17.98 1.26
C08 JL3 H . -4.13 19.32 1.52
C09 JL3 H . -5.28 19.65 0.56
C10 JL3 H . -6.33 20.56 1.18
C11 JL3 H . -6.56 21.86 0.44
C12 JL3 H . -7.67 21.75 -0.60
C13 JL3 H . -7.81 22.97 -1.49
C14 JL3 H . -6.97 22.86 -2.74
C15 JL3 H . -6.96 24.08 -3.61
O16 JL3 H . -6.02 24.82 -3.78
O17 JL3 H . -8.14 24.26 -4.20
C18 JL3 H . -9.01 25.29 -3.69
C19 JL3 H . -9.21 26.29 -4.81
C20 JL3 H . -10.01 25.68 -5.94
O21 JL3 H . -11.28 25.30 -5.45
O23 JL3 H . -13.77 25.36 -5.52
O24 JL3 H . -12.40 27.58 -5.19
O25 JL3 H . -12.42 26.44 -7.41
C26 JL3 H . -12.21 27.73 -7.94
C27 JL3 H . -12.27 27.65 -9.44
N28 JL3 H . -11.96 28.96 -10.07
O29 JL3 H . -7.90 26.71 -5.23
C30 JL3 H . -7.64 27.98 -5.45
O31 JL3 H . -7.96 28.56 -6.45
C32 JL3 H . -6.86 28.59 -4.31
C33 JL3 H . -6.98 27.85 -2.99
C34 JL3 H . -5.83 28.19 -2.04
C35 JL3 H . -4.53 27.55 -2.51
C36 JL3 H . -3.86 26.70 -1.43
C37 JL3 H . -3.16 27.50 -0.34
C38 JL3 H . -3.28 26.84 1.02
C39 JL3 H . -2.57 25.50 1.11
C40 JL3 H . -3.48 24.30 0.93
C41 JL3 H . -4.54 24.18 2.02
C42 JL3 H . -4.46 22.86 2.79
C43 JL3 H . -3.47 22.90 3.95
C44 JL3 H . -3.04 21.51 4.42
C45 JL3 H . -2.53 21.49 5.85
CAA Y01 I . 1.70 28.78 3.13
CBA Y01 I . 0.82 29.10 1.94
CAB Y01 I . 0.22 27.83 1.36
CAN Y01 I . -0.29 30.09 2.31
CAJ Y01 I . -0.40 31.34 1.45
CAO Y01 I . -0.40 31.05 -0.04
CBB Y01 I . -1.60 31.60 -0.82
CAC Y01 I . -1.76 33.09 -0.56
CBE Y01 I . -1.46 31.26 -2.33
CAP Y01 I . -1.19 29.75 -2.55
CAQ Y01 I . -1.67 29.40 -3.97
CBG Y01 I . -2.28 30.68 -4.51
CBI Y01 I . -2.65 31.55 -3.29
CAE Y01 I . -3.96 31.12 -2.61
CAU Y01 I . -2.78 32.97 -3.86
CAS Y01 I . -3.91 33.03 -4.91
CBF Y01 I . -3.80 31.99 -6.03
CBD Y01 I . -3.42 30.59 -5.51
CAK Y01 I . -3.03 29.70 -6.70
CAI Y01 I . -4.01 29.81 -7.82
CAZ Y01 I . -4.98 30.72 -7.88
CAV Y01 I . -6.05 30.64 -8.95
CBH Y01 I . -5.07 31.92 -6.94
CAD Y01 I . -6.35 31.78 -6.11
CAT Y01 I . -5.17 33.19 -7.82
CAR Y01 I . -6.27 33.12 -8.88
CBC Y01 I . -6.09 31.91 -9.77
OAW Y01 I . -7.19 31.78 -10.71
CAY Y01 I . -8.38 31.40 -10.26
OAG Y01 I . -8.89 31.84 -9.28
CAM Y01 I . -8.95 30.25 -11.07
CAL Y01 I . -8.85 28.90 -10.39
CAX Y01 I . -9.28 27.73 -11.25
OAH Y01 I . -9.21 26.58 -10.75
OAF Y01 I . -9.66 27.95 -12.40
P22 JL3 J . -21.49 23.74 -5.97
C01 JL3 J . -12.97 16.97 10.17
C02 JL3 J . -13.29 17.62 8.84
C03 JL3 J . -13.05 19.13 8.81
C04 JL3 J . -13.12 19.72 7.42
C05 JL3 J . -14.49 19.63 6.77
C06 JL3 J . -14.45 19.01 5.37
C07 JL3 J . -15.53 19.54 4.43
C08 JL3 J . -15.23 20.97 3.96
C09 JL3 J . -16.38 21.61 3.20
C10 JL3 J . -16.53 21.05 1.79
C11 JL3 J . -17.78 21.55 1.05
C12 JL3 J . -17.96 23.06 1.17
C13 JL3 J . -18.70 23.68 -0.01
C14 JL3 J . -20.15 23.21 -0.09
C15 JL3 J . -20.84 23.62 -1.35
O16 JL3 J . -21.66 22.96 -1.95
O17 JL3 J . -20.43 24.82 -1.75
C18 JL3 J . -21.03 25.42 -2.89
C19 JL3 J . -19.93 26.08 -3.70
C20 JL3 J . -20.10 25.85 -5.20
O21 JL3 J . -20.11 24.48 -5.48
O23 JL3 J . -21.64 22.55 -5.08
O24 JL3 J . -22.58 24.75 -6.16
O25 JL3 J . -21.10 23.25 -7.50
C26 JL3 J . -21.70 22.08 -8.02
C27 JL3 J . -21.65 22.15 -9.54
N28 JL3 J . -23.01 22.05 -10.13
O29 JL3 J . -18.70 25.54 -3.21
C30 JL3 J . -17.61 26.26 -3.17
O31 JL3 J . -16.81 26.32 -4.08
C32 JL3 J . -17.48 27.01 -1.87
C33 JL3 J . -16.20 26.74 -1.12
C34 JL3 J . -16.13 27.51 0.20
C35 JL3 J . -15.22 26.86 1.23
C36 JL3 J . -15.93 26.57 2.54
C37 JL3 J . -15.21 25.56 3.43
C38 JL3 J . -13.71 25.80 3.56
C39 JL3 J . -13.35 27.19 4.10
C40 JL3 J . -11.85 27.42 4.22
C41 JL3 J . -11.16 26.48 5.21
C42 JL3 J . -9.68 26.79 5.39
P22 JL3 K . -0.28 -3.27 3.81
C05 JL3 K . 11.89 -14.98 3.12
C06 JL3 K . 10.55 -14.71 3.79
C07 JL3 K . 9.36 -15.35 3.08
C08 JL3 K . 8.22 -15.72 4.03
C09 JL3 K . 7.33 -14.54 4.42
C10 JL3 K . 6.30 -14.91 5.47
C11 JL3 K . 5.79 -13.72 6.28
C12 JL3 K . 4.80 -12.86 5.52
C13 JL3 K . 4.77 -11.40 5.97
C14 JL3 K . 3.99 -10.54 5.00
C15 JL3 K . 3.61 -9.19 5.53
O16 JL3 K . 3.76 -8.82 6.66
O17 JL3 K . 3.09 -8.42 4.57
C18 JL3 K . 2.05 -7.52 4.94
C19 JL3 K . 1.77 -6.62 3.74
C20 JL3 K . 1.52 -5.17 4.14
O21 JL3 K . 0.34 -4.75 3.49
O23 JL3 K . -1.25 -3.47 4.92
O24 JL3 K . 0.83 -2.26 3.83
O25 JL3 K . -1.09 -2.94 2.40
C26 JL3 K . -0.64 -1.89 1.59
C27 JL3 K . -1.45 -1.91 0.31
N28 JL3 K . -1.11 -3.07 -0.55
O29 JL3 K . 0.60 -7.19 3.12
C30 JL3 K . 0.67 -8.25 2.35
O31 JL3 K . 1.34 -8.31 1.34
C32 JL3 K . -0.18 -9.36 2.90
C33 JL3 K . 0.13 -10.73 2.34
C34 JL3 K . -0.79 -11.81 2.92
C35 JL3 K . -0.70 -11.93 4.44
C36 JL3 K . -0.60 -13.37 4.91
C37 JL3 K . 0.69 -14.06 4.50
C38 JL3 K . 1.10 -15.18 5.44
C39 JL3 K . 1.91 -16.28 4.77
C40 JL3 K . 1.04 -17.35 4.11
P22 JL3 L . -28.75 -17.27 0.06
C05 JL3 L . -16.81 -21.29 8.67
C06 JL3 L . -18.04 -22.13 9.00
C07 JL3 L . -19.35 -21.59 8.42
C08 JL3 L . -19.79 -20.29 9.08
C09 JL3 L . -20.59 -19.37 8.16
C10 JL3 L . -22.00 -19.87 7.86
C11 JL3 L . -22.57 -19.35 6.55
C12 JL3 L . -23.77 -20.15 6.05
C13 JL3 L . -23.96 -20.03 4.55
C14 JL3 L . -25.39 -20.31 4.13
C15 JL3 L . -25.72 -19.90 2.72
O16 JL3 L . -25.52 -20.55 1.72
O17 JL3 L . -26.30 -18.69 2.68
C18 JL3 L . -25.57 -17.58 3.21
C19 JL3 L . -26.21 -16.31 2.70
C20 JL3 L . -26.55 -16.39 1.22
O21 JL3 L . -27.95 -16.25 1.06
O23 JL3 L . -30.19 -16.94 0.23
O24 JL3 L . -28.19 -18.65 0.18
O25 JL3 L . -28.24 -16.75 -1.43
C26 JL3 L . -28.96 -17.10 -2.58
C27 JL3 L . -28.79 -18.60 -2.80
N28 JL3 L . -28.47 -18.91 -4.22
O29 JL3 L . -25.24 -15.27 2.98
C30 JL3 L . -24.67 -15.15 4.16
O31 JL3 L . -25.28 -14.87 5.16
C32 JL3 L . -23.19 -15.40 4.08
C33 JL3 L . -22.48 -15.38 5.42
C34 JL3 L . -21.14 -16.08 5.34
C35 JL3 L . -20.41 -16.13 6.68
C36 JL3 L . -19.32 -15.07 6.81
C37 JL3 L . -18.73 -14.97 8.22
C38 JL3 L . -18.01 -16.24 8.66
C39 JL3 L . -17.26 -16.09 9.97
CAA Y01 M . -4.92 -27.80 -0.01
CBA Y01 M . -5.64 -28.91 0.73
CAB Y01 M . -6.25 -28.38 2.01
CAN Y01 M . -6.70 -29.58 -0.14
CAJ Y01 M . -6.25 -30.05 -1.51
CAO Y01 M . -6.71 -29.14 -2.64
CBB Y01 M . -7.01 -29.85 -3.96
CAC Y01 M . -8.21 -30.78 -3.79
CBE Y01 M . -7.20 -28.85 -5.11
CAP Y01 M . -5.93 -28.01 -5.37
CAQ Y01 M . -5.84 -27.78 -6.90
CBG Y01 M . -7.23 -28.16 -7.40
CBI Y01 M . -7.62 -29.36 -6.52
CAE Y01 M . -6.82 -30.62 -6.87
CAU Y01 M . -9.12 -29.57 -6.75
CAS Y01 M . -9.42 -29.85 -8.23
CBF Y01 M . -8.89 -28.78 -9.19
CBD Y01 M . -7.43 -28.39 -8.89
CAK Y01 M . -7.07 -27.14 -9.69
CAI Y01 M . -7.53 -27.23 -11.11
CAZ Y01 M . -8.35 -28.17 -11.57
CAV Y01 M . -8.63 -28.27 -13.06
CBH Y01 M . -9.09 -29.16 -10.69
CAD Y01 M . -8.55 -30.56 -11.00
CAT Y01 M . -10.59 -29.08 -11.05
CAR Y01 M . -10.86 -29.24 -12.54
CBC Y01 M . -10.11 -28.21 -13.35
OAW Y01 M . -10.30 -28.41 -14.78
CAY Y01 M . -9.79 -29.51 -15.35
OAG Y01 M . -9.75 -30.58 -14.81
CAM Y01 M . -9.20 -29.22 -16.71
CAL Y01 M . -9.73 -30.07 -17.84
CAX Y01 M . -9.01 -29.86 -19.17
OAH Y01 M . -9.39 -30.49 -20.16
OAF Y01 M . -8.05 -29.04 -19.19
CAA Y01 N . -0.55 -17.65 1.25
CBA Y01 N . -1.65 -18.35 0.47
CAB Y01 N . -1.81 -19.79 0.94
CAN Y01 N . -1.41 -18.27 -1.03
CAJ Y01 N . -0.17 -18.96 -1.54
CAO Y01 N . 0.02 -18.83 -3.04
CBB Y01 N . -1.18 -19.22 -3.90
CAC Y01 N . -2.05 -18.00 -4.18
CBE Y01 N . -0.76 -19.96 -5.18
CAP Y01 N . 0.16 -21.17 -4.92
CAQ Y01 N . -0.06 -22.16 -6.08
CBG Y01 N . -0.97 -21.42 -7.04
CBI Y01 N . -1.84 -20.55 -6.12
CAE Y01 N . -2.84 -21.39 -5.29
CAU Y01 N . -2.59 -19.56 -7.02
CAS Y01 N . -3.45 -20.29 -8.06
CBF Y01 N . -2.63 -21.27 -8.93
CBD Y01 N . -1.75 -22.21 -8.09
CAK Y01 N . -0.80 -22.97 -9.02
CAI Y01 N . -1.47 -23.44 -10.28
CAZ Y01 N . -2.69 -23.10 -10.66
CAV Y01 N . -3.32 -23.73 -11.89
CBH Y01 N . -3.52 -22.06 -9.93
CAD Y01 N . -4.68 -22.79 -9.23
CAT Y01 N . -4.09 -21.06 -10.97
CAR Y01 N . -4.78 -21.75 -12.15
CBC Y01 N . -3.84 -22.68 -12.85
OAW Y01 N . -4.58 -23.32 -13.93
CAY Y01 N . -3.90 -23.77 -14.99
OAG Y01 N . -2.91 -24.43 -14.92
CAM Y01 N . -4.50 -23.24 -16.27
CAL Y01 N . -3.50 -22.69 -17.26
CAX Y01 N . -2.93 -23.73 -18.23
OAH Y01 N . -3.71 -24.26 -19.04
OAF Y01 N . -1.72 -24.00 -18.14
#